data_6AYZ
#
_entry.id   6AYZ
#
_cell.length_a   86.811
_cell.length_b   77.445
_cell.length_c   101.734
_cell.angle_alpha   90.00
_cell.angle_beta   110.56
_cell.angle_gamma   90.00
#
_symmetry.space_group_name_H-M   'P 1 21 1'
#
loop_
_entity.id
_entity.type
_entity.pdbx_description
1 polymer 'Fab Heavy Chain'
2 polymer 'Fab Light Chain'
3 polymer 'Histone chaperone ASF1'
4 water water
#
loop_
_entity_poly.entity_id
_entity_poly.type
_entity_poly.pdbx_seq_one_letter_code
_entity_poly.pdbx_strand_id
1 'polypeptide(L)'
;EISEVQLVESGGGLVQPGGSLRLSCAASGFNVSYYSIHWVRQAPGKGLEWVASIYPYYGSTSYADSVKGRFTISADTSKN
TAYLQMNSLRAEDTAVYYCARGYGWALDYWGQGTLVTVSSASTKGPSVFPLAPSSKSTSGGTAALGCLVKDYFPEPVTVS
WNSGALTSGVHTFPAVLQSSGLYSLSSVVTVPSSSLGTQTYICNVNHKPSNTKVDKKVEPKSCD
;
B,R
2 'polypeptide(L)'
;SDIQMTQSPSSLSASVGDRVTITCRASQSVSSAVAWYQQKPGKAPKLLIYSASSLYSGVPSRFSGSRSGTDFTLTISSLQ
PEDFATYYCQQDGWSLITFGQGTKVEIKRTVAAPSVFIFPPSDSQLKSGTASVVCLLNNFYPREAKVQWKVDNALQSGNS
QESVTEQDSKDSTYSLSSTLTLSKADYEKHKVYACEVTHQGLSSPVTKSFNRGEC
;
C,D
3 'polypeptide(L)'
;GSIVSLLGIKVLNNPAKFTDPYEFEITFECLESLKHDLEWKLTYVGSSRSLDHDQELDSILVGPVPVGVNKFVFSADPPS
AELIPASELVSVTVILLSCSYDGREFVRVGYYVNNEYDEEELRENPPAKVQVDHIVRNILAEKPRVTRFNIVWD
;
M,A
#
# COMPACT_ATOMS: atom_id res chain seq x y z
N SER A 3 22.96 -15.77 21.92
CA SER A 3 24.17 -16.26 21.25
C SER A 3 24.36 -15.59 19.89
N GLU A 4 25.54 -15.01 19.68
CA GLU A 4 25.79 -14.18 18.50
C GLU A 4 25.80 -15.01 17.21
N VAL A 5 25.02 -14.57 16.23
CA VAL A 5 24.98 -15.20 14.91
C VAL A 5 25.93 -14.44 13.98
N GLN A 6 26.85 -15.16 13.35
CA GLN A 6 27.81 -14.51 12.46
C GLN A 6 28.14 -15.42 11.29
N LEU A 7 28.33 -14.81 10.12
CA LEU A 7 28.80 -15.49 8.91
C LEU A 7 30.04 -14.77 8.41
N VAL A 8 31.11 -15.53 8.18
CA VAL A 8 32.40 -14.96 7.77
C VAL A 8 32.84 -15.64 6.47
N GLU A 9 32.91 -14.86 5.40
CA GLU A 9 33.41 -15.37 4.13
C GLU A 9 34.94 -15.32 4.10
N SER A 10 35.54 -16.28 3.40
CA SER A 10 36.97 -16.24 3.14
C SER A 10 37.25 -16.99 1.85
N GLY A 11 38.43 -16.75 1.30
CA GLY A 11 38.88 -17.45 0.11
C GLY A 11 38.87 -16.60 -1.15
N GLY A 12 38.47 -15.34 -1.08
CA GLY A 12 38.46 -14.50 -2.25
C GLY A 12 39.86 -14.08 -2.66
N GLY A 13 39.96 -13.57 -3.88
CA GLY A 13 41.23 -13.10 -4.39
C GLY A 13 41.24 -13.10 -5.91
N LEU A 14 42.46 -13.09 -6.45
CA LEU A 14 42.67 -13.01 -7.88
C LEU A 14 42.83 -14.40 -8.48
N VAL A 15 42.07 -14.68 -9.53
CA VAL A 15 42.13 -15.96 -10.21
C VAL A 15 42.09 -15.69 -11.71
N GLN A 16 42.78 -16.55 -12.47
CA GLN A 16 42.78 -16.39 -13.91
C GLN A 16 41.51 -16.99 -14.52
N PRO A 17 41.08 -16.47 -15.68
CA PRO A 17 39.93 -17.07 -16.36
C PRO A 17 40.14 -18.55 -16.61
N GLY A 18 39.07 -19.32 -16.45
CA GLY A 18 39.17 -20.76 -16.54
C GLY A 18 39.68 -21.44 -15.30
N GLY A 19 40.08 -20.67 -14.29
CA GLY A 19 40.57 -21.24 -13.05
C GLY A 19 39.45 -21.57 -12.08
N SER A 20 39.86 -22.12 -10.95
CA SER A 20 38.93 -22.55 -9.91
C SER A 20 39.22 -21.79 -8.62
N LEU A 21 38.18 -21.64 -7.80
CA LEU A 21 38.33 -21.00 -6.50
C LEU A 21 37.24 -21.50 -5.58
N ARG A 22 37.63 -21.80 -4.35
CA ARG A 22 36.72 -22.31 -3.33
C ARG A 22 36.52 -21.22 -2.28
N LEU A 23 35.28 -20.76 -2.14
CA LEU A 23 34.93 -19.80 -1.11
C LEU A 23 34.37 -20.56 0.09
N SER A 24 34.59 -19.98 1.27
CA SER A 24 34.15 -20.55 2.53
C SER A 24 33.22 -19.58 3.24
N CYS A 25 32.24 -20.13 3.96
CA CYS A 25 31.30 -19.35 4.75
C CYS A 25 31.27 -19.99 6.12
N ALA A 26 32.07 -19.45 7.04
CA ALA A 26 32.14 -20.00 8.40
C ALA A 26 30.98 -19.47 9.22
N ALA A 27 30.17 -20.39 9.74
CA ALA A 27 29.00 -20.01 10.50
C ALA A 27 29.27 -20.13 11.99
N SER A 28 28.69 -19.22 12.77
CA SER A 28 28.72 -19.31 14.22
C SER A 28 27.37 -18.88 14.78
N GLY A 29 26.97 -19.53 15.87
CA GLY A 29 25.72 -19.22 16.53
C GLY A 29 24.53 -20.03 16.07
N PHE A 30 24.71 -20.88 15.06
CA PHE A 30 23.65 -21.75 14.58
C PHE A 30 24.30 -22.90 13.81
N ASN A 31 23.54 -23.99 13.66
CA ASN A 31 24.00 -25.11 12.86
C ASN A 31 23.73 -24.81 11.39
N VAL A 32 24.77 -24.91 10.57
CA VAL A 32 24.65 -24.61 9.15
C VAL A 32 23.72 -25.55 8.41
N SER A 33 23.36 -26.69 9.00
CA SER A 33 22.53 -27.67 8.31
C SER A 33 21.04 -27.54 8.64
N TYR A 34 20.65 -26.70 9.61
CA TYR A 34 19.26 -26.51 9.96
C TYR A 34 18.62 -25.36 9.20
N TYR A 35 19.40 -24.64 8.38
CA TYR A 35 18.93 -23.47 7.67
C TYR A 35 19.30 -23.60 6.20
N SER A 36 18.64 -22.82 5.36
CA SER A 36 19.12 -22.64 4.00
C SER A 36 20.28 -21.65 4.03
N ILE A 37 21.30 -21.91 3.22
CA ILE A 37 22.44 -21.02 3.05
C ILE A 37 22.52 -20.64 1.58
N HIS A 38 22.93 -19.40 1.31
CA HIS A 38 22.89 -18.85 -0.04
C HIS A 38 24.14 -18.02 -0.29
N TRP A 39 24.55 -17.98 -1.55
CA TRP A 39 25.57 -17.04 -2.00
C TRP A 39 24.91 -16.02 -2.91
N VAL A 40 25.19 -14.75 -2.66
CA VAL A 40 24.70 -13.63 -3.47
C VAL A 40 25.90 -12.73 -3.77
N ARG A 41 26.09 -12.38 -5.03
CA ARG A 41 27.24 -11.59 -5.42
C ARG A 41 26.79 -10.24 -5.97
N GLN A 42 27.73 -9.29 -5.95
CA GLN A 42 27.47 -7.93 -6.41
C GLN A 42 28.67 -7.47 -7.21
N ALA A 43 28.49 -7.32 -8.52
CA ALA A 43 29.57 -6.81 -9.36
C ALA A 43 29.84 -5.35 -9.00
N PRO A 44 31.07 -4.86 -9.26
CA PRO A 44 31.39 -3.47 -8.91
C PRO A 44 30.37 -2.48 -9.43
N GLY A 45 29.76 -1.72 -8.53
CA GLY A 45 28.77 -0.73 -8.92
C GLY A 45 27.45 -1.26 -9.43
N LYS A 46 27.22 -2.57 -9.38
CA LYS A 46 25.98 -3.17 -9.90
C LYS A 46 25.09 -3.61 -8.74
N GLY A 47 23.97 -4.27 -9.09
CA GLY A 47 23.01 -4.73 -8.11
C GLY A 47 23.35 -6.11 -7.56
N LEU A 48 22.43 -6.63 -6.76
CA LEU A 48 22.56 -7.96 -6.18
C LEU A 48 22.16 -9.02 -7.20
N GLU A 49 22.90 -10.14 -7.19
CA GLU A 49 22.62 -11.27 -8.09
C GLU A 49 22.82 -12.55 -7.29
N TRP A 50 21.74 -13.29 -7.08
CA TRP A 50 21.85 -14.58 -6.41
C TRP A 50 22.52 -15.59 -7.33
N VAL A 51 23.33 -16.49 -6.76
CA VAL A 51 24.02 -17.50 -7.53
C VAL A 51 23.69 -18.91 -7.06
N ALA A 52 23.55 -19.15 -5.76
CA ALA A 52 23.36 -20.52 -5.32
C ALA A 52 22.69 -20.58 -3.96
N SER A 53 21.93 -21.66 -3.73
CA SER A 53 21.28 -21.93 -2.46
C SER A 53 21.41 -23.41 -2.13
N ILE A 54 21.49 -23.71 -0.84
CA ILE A 54 21.40 -25.09 -0.37
C ILE A 54 20.37 -25.14 0.75
N TYR A 55 19.56 -26.19 0.76
CA TYR A 55 18.44 -26.24 1.68
C TYR A 55 18.64 -27.32 2.73
N PRO A 56 18.06 -27.14 3.92
CA PRO A 56 18.29 -28.09 5.02
C PRO A 56 17.59 -29.42 4.78
N TYR A 57 17.93 -30.38 5.66
CA TYR A 57 17.36 -31.73 5.71
C TYR A 57 17.89 -32.62 4.60
N TYR A 58 17.74 -32.20 3.34
CA TYR A 58 18.18 -32.99 2.21
C TYR A 58 19.45 -32.48 1.54
N GLY A 59 19.82 -31.23 1.77
CA GLY A 59 20.95 -30.66 1.04
C GLY A 59 20.66 -30.37 -0.41
N SER A 60 19.40 -30.22 -0.77
CA SER A 60 19.03 -29.87 -2.14
C SER A 60 19.57 -28.48 -2.48
N THR A 61 19.89 -28.29 -3.76
CA THR A 61 20.56 -27.08 -4.21
C THR A 61 19.82 -26.43 -5.38
N SER A 62 19.97 -25.11 -5.48
CA SER A 62 19.45 -24.31 -6.59
C SER A 62 20.54 -23.37 -7.09
N TYR A 63 20.59 -23.14 -8.40
CA TYR A 63 21.64 -22.33 -9.00
C TYR A 63 21.05 -21.38 -10.03
N ALA A 64 21.63 -20.18 -10.13
CA ALA A 64 21.29 -19.31 -11.25
C ALA A 64 21.81 -19.93 -12.53
N ASP A 65 21.14 -19.60 -13.64
CA ASP A 65 21.51 -20.21 -14.93
C ASP A 65 22.94 -19.88 -15.32
N SER A 66 23.39 -18.66 -15.00
CA SER A 66 24.71 -18.22 -15.44
C SER A 66 25.85 -18.96 -14.75
N VAL A 67 25.57 -19.67 -13.66
CA VAL A 67 26.59 -20.40 -12.93
C VAL A 67 26.30 -21.90 -12.85
N LYS A 68 25.20 -22.35 -13.44
CA LYS A 68 24.82 -23.75 -13.35
C LYS A 68 25.93 -24.63 -13.93
N GLY A 69 26.27 -25.69 -13.21
CA GLY A 69 27.33 -26.57 -13.65
C GLY A 69 28.72 -26.12 -13.22
N ARG A 70 29.00 -24.82 -13.34
CA ARG A 70 30.31 -24.31 -12.98
C ARG A 70 30.47 -24.15 -11.47
N PHE A 71 29.42 -23.74 -10.78
CA PHE A 71 29.46 -23.51 -9.34
C PHE A 71 28.76 -24.66 -8.62
N THR A 72 29.29 -24.99 -7.43
CA THR A 72 28.66 -26.00 -6.58
C THR A 72 28.67 -25.49 -5.15
N ILE A 73 27.49 -25.44 -4.54
CA ILE A 73 27.34 -25.04 -3.14
C ILE A 73 27.21 -26.29 -2.29
N SER A 74 27.77 -26.23 -1.09
CA SER A 74 27.75 -27.37 -0.17
C SER A 74 27.90 -26.85 1.26
N ALA A 75 27.62 -27.72 2.22
CA ALA A 75 27.72 -27.37 3.63
C ALA A 75 28.26 -28.57 4.41
N ASP A 76 29.24 -28.31 5.27
CA ASP A 76 29.85 -29.33 6.12
C ASP A 76 29.39 -29.08 7.55
N THR A 77 28.65 -30.04 8.11
CA THR A 77 28.07 -29.84 9.44
C THR A 77 29.13 -29.88 10.53
N SER A 78 30.13 -30.76 10.39
CA SER A 78 31.16 -30.85 11.41
C SER A 78 31.98 -29.57 11.48
N LYS A 79 32.40 -29.05 10.32
CA LYS A 79 33.13 -27.78 10.30
C LYS A 79 32.21 -26.57 10.42
N ASN A 80 30.89 -26.78 10.38
CA ASN A 80 29.90 -25.71 10.43
C ASN A 80 30.23 -24.62 9.41
N THR A 81 30.57 -25.05 8.20
CA THR A 81 30.96 -24.14 7.14
C THR A 81 30.29 -24.54 5.84
N ALA A 82 29.80 -23.54 5.10
CA ALA A 82 29.29 -23.72 3.76
C ALA A 82 30.32 -23.27 2.73
N TYR A 83 30.19 -23.77 1.51
CA TYR A 83 31.22 -23.54 0.50
C TYR A 83 30.58 -23.19 -0.84
N LEU A 84 31.36 -22.48 -1.66
CA LEU A 84 31.02 -22.22 -3.06
C LEU A 84 32.24 -22.60 -3.89
N GLN A 85 32.22 -23.80 -4.46
CA GLN A 85 33.25 -24.24 -5.38
C GLN A 85 32.96 -23.66 -6.76
N MET A 86 33.83 -22.78 -7.23
CA MET A 86 33.66 -22.08 -8.50
C MET A 86 34.70 -22.59 -9.49
N ASN A 87 34.23 -23.25 -10.56
CA ASN A 87 35.10 -23.76 -11.61
C ASN A 87 34.83 -23.01 -12.91
N SER A 88 35.80 -23.09 -13.82
CA SER A 88 35.71 -22.45 -15.15
C SER A 88 35.31 -20.98 -15.02
N LEU A 89 35.97 -20.28 -14.10
CA LEU A 89 35.60 -18.91 -13.81
C LEU A 89 35.78 -18.02 -15.04
N ARG A 90 34.95 -16.99 -15.12
CA ARG A 90 34.97 -16.03 -16.22
C ARG A 90 35.09 -14.63 -15.66
N ALA A 91 35.51 -13.70 -16.52
CA ALA A 91 35.67 -12.31 -16.09
C ALA A 91 34.40 -11.77 -15.46
N GLU A 92 33.24 -12.09 -16.04
CA GLU A 92 31.98 -11.56 -15.52
C GLU A 92 31.63 -12.10 -14.14
N ASP A 93 32.32 -13.13 -13.66
CA ASP A 93 32.14 -13.60 -12.28
C ASP A 93 32.84 -12.69 -11.27
N THR A 94 33.55 -11.67 -11.71
CA THR A 94 34.16 -10.71 -10.78
C THR A 94 33.07 -9.99 -9.99
N ALA A 95 33.17 -10.02 -8.67
CA ALA A 95 32.13 -9.48 -7.80
C ALA A 95 32.58 -9.66 -6.35
N VAL A 96 31.92 -8.92 -5.47
CA VAL A 96 31.95 -9.26 -4.05
C VAL A 96 30.94 -10.37 -3.81
N TYR A 97 31.36 -11.42 -3.11
CA TYR A 97 30.52 -12.59 -2.85
C TYR A 97 30.12 -12.61 -1.38
N TYR A 98 28.82 -12.50 -1.12
CA TYR A 98 28.28 -12.66 0.23
C TYR A 98 27.68 -14.04 0.36
N CYS A 99 27.80 -14.61 1.56
CA CYS A 99 26.92 -15.70 1.95
C CYS A 99 25.90 -15.17 2.94
N ALA A 100 24.71 -15.77 2.92
CA ALA A 100 23.60 -15.30 3.75
C ALA A 100 22.79 -16.50 4.20
N ARG A 101 22.13 -16.34 5.35
CA ARG A 101 21.33 -17.40 5.96
C ARG A 101 19.86 -17.20 5.61
N GLY A 102 19.19 -18.29 5.27
CA GLY A 102 17.78 -18.20 4.92
C GLY A 102 16.92 -17.92 6.14
N TYR A 103 15.93 -17.05 5.95
CA TYR A 103 14.91 -16.72 6.95
C TYR A 103 13.58 -16.85 6.21
N GLY A 104 12.99 -18.05 6.25
CA GLY A 104 11.86 -18.33 5.39
C GLY A 104 12.28 -18.18 3.95
N TRP A 105 11.55 -17.36 3.20
CA TRP A 105 11.93 -17.01 1.84
C TRP A 105 12.91 -15.85 1.76
N ALA A 106 13.35 -15.30 2.91
CA ALA A 106 14.22 -14.14 2.94
C ALA A 106 15.61 -14.52 3.46
N LEU A 107 16.46 -13.51 3.67
CA LEU A 107 17.84 -13.66 4.09
C LEU A 107 18.09 -12.74 5.28
N ASP A 108 18.31 -13.31 6.47
CA ASP A 108 18.31 -12.44 7.64
C ASP A 108 19.70 -12.01 8.07
N TYR A 109 20.70 -12.89 7.98
CA TYR A 109 22.06 -12.59 8.36
C TYR A 109 22.96 -12.73 7.14
N TRP A 110 23.82 -11.74 6.93
CA TRP A 110 24.75 -11.72 5.82
C TRP A 110 26.17 -11.57 6.34
N GLY A 111 27.13 -12.10 5.59
CA GLY A 111 28.52 -11.86 5.90
C GLY A 111 28.99 -10.53 5.35
N GLN A 112 30.27 -10.26 5.58
CA GLN A 112 30.87 -9.03 5.09
C GLN A 112 31.16 -9.08 3.59
N GLY A 113 31.21 -10.27 2.99
CA GLY A 113 31.52 -10.35 1.58
C GLY A 113 33.00 -10.50 1.33
N THR A 114 33.35 -11.25 0.29
CA THR A 114 34.73 -11.48 -0.11
C THR A 114 34.87 -11.19 -1.60
N LEU A 115 35.90 -10.42 -1.96
CA LEU A 115 36.05 -10.00 -3.34
C LEU A 115 36.72 -11.10 -4.16
N VAL A 116 36.14 -11.40 -5.32
CA VAL A 116 36.68 -12.34 -6.29
C VAL A 116 36.91 -11.58 -7.58
N THR A 117 38.17 -11.57 -8.05
CA THR A 117 38.53 -10.92 -9.31
C THR A 117 39.04 -12.00 -10.27
N VAL A 118 38.39 -12.11 -11.42
CA VAL A 118 38.78 -13.07 -12.47
C VAL A 118 39.42 -12.26 -13.58
N SER A 119 40.73 -12.46 -13.77
CA SER A 119 41.50 -11.74 -14.78
C SER A 119 42.84 -12.43 -14.94
N SER A 120 43.40 -12.33 -16.14
CA SER A 120 44.76 -12.79 -16.39
C SER A 120 45.80 -11.68 -16.21
N ALA A 121 45.37 -10.48 -15.81
CA ALA A 121 46.29 -9.37 -15.62
C ALA A 121 47.22 -9.61 -14.43
N SER A 122 48.49 -9.24 -14.59
CA SER A 122 49.47 -9.33 -13.52
C SER A 122 49.13 -8.37 -12.38
N THR A 123 49.42 -8.79 -11.16
CA THR A 123 49.29 -7.88 -10.01
C THR A 123 50.27 -6.73 -10.16
N LYS A 124 49.81 -5.51 -9.91
CA LYS A 124 50.58 -4.31 -10.24
C LYS A 124 50.26 -3.24 -9.20
N GLY A 125 51.31 -2.73 -8.55
CA GLY A 125 51.16 -1.65 -7.60
C GLY A 125 50.97 -0.32 -8.29
N PRO A 126 50.39 0.64 -7.61
CA PRO A 126 50.10 1.93 -8.23
C PRO A 126 51.32 2.84 -8.25
N SER A 127 51.29 3.78 -9.19
CA SER A 127 52.17 4.93 -9.15
C SER A 127 51.41 6.08 -8.53
N VAL A 128 52.05 6.80 -7.63
CA VAL A 128 51.40 7.88 -6.88
C VAL A 128 52.03 9.19 -7.31
N PHE A 129 51.21 10.06 -7.92
CA PHE A 129 51.65 11.37 -8.36
C PHE A 129 50.90 12.46 -7.63
N PRO A 130 51.57 13.56 -7.31
CA PRO A 130 50.89 14.64 -6.59
C PRO A 130 49.99 15.45 -7.50
N LEU A 131 48.92 15.98 -6.91
CA LEU A 131 48.09 17.03 -7.48
C LEU A 131 48.42 18.26 -6.64
N ALA A 132 49.44 19.00 -7.07
CA ALA A 132 50.02 20.03 -6.22
C ALA A 132 49.11 21.25 -6.15
N PRO A 133 49.00 21.88 -4.99
CA PRO A 133 48.25 23.14 -4.90
C PRO A 133 48.98 24.25 -5.62
N SER A 134 48.22 25.18 -6.18
CA SER A 134 48.78 26.29 -6.95
C SER A 134 47.75 27.41 -7.02
N SER A 135 48.08 28.47 -7.75
CA SER A 135 47.11 29.54 -7.99
C SER A 135 45.92 29.06 -8.83
N LYS A 136 46.07 27.93 -9.52
CA LYS A 136 44.98 27.34 -10.31
C LYS A 136 44.08 26.43 -9.48
N SER A 137 44.41 26.21 -8.20
CA SER A 137 43.57 25.42 -7.31
C SER A 137 43.29 26.15 -5.99
N THR A 138 43.52 27.47 -5.96
CA THR A 138 43.40 28.26 -4.74
C THR A 138 42.49 29.45 -4.99
N SER A 139 41.45 29.59 -4.16
CA SER A 139 40.57 30.75 -4.23
C SER A 139 39.90 30.95 -2.89
N GLY A 140 39.71 32.22 -2.52
CA GLY A 140 38.93 32.56 -1.35
C GLY A 140 39.46 32.01 -0.04
N GLY A 141 40.78 31.85 0.07
CA GLY A 141 41.38 31.33 1.28
C GLY A 141 41.43 29.83 1.39
N THR A 142 41.03 29.10 0.35
CA THR A 142 41.00 27.65 0.35
C THR A 142 41.79 27.14 -0.85
N ALA A 143 42.63 26.14 -0.61
CA ALA A 143 43.40 25.50 -1.67
C ALA A 143 43.00 24.05 -1.78
N ALA A 144 43.00 23.53 -3.00
CA ALA A 144 42.76 22.12 -3.26
C ALA A 144 44.07 21.47 -3.66
N LEU A 145 44.28 20.24 -3.18
CA LEU A 145 45.45 19.45 -3.51
C LEU A 145 45.05 17.99 -3.39
N GLY A 146 45.92 17.10 -3.85
CA GLY A 146 45.55 15.70 -3.83
C GLY A 146 46.64 14.80 -4.37
N CYS A 147 46.27 13.54 -4.59
CA CYS A 147 47.15 12.50 -5.11
C CYS A 147 46.45 11.71 -6.19
N LEU A 148 47.16 11.45 -7.26
CA LEU A 148 46.70 10.57 -8.33
C LEU A 148 47.30 9.19 -8.12
N VAL A 149 46.43 8.18 -8.00
CA VAL A 149 46.84 6.81 -7.71
C VAL A 149 46.59 6.03 -8.99
N LYS A 150 47.61 5.88 -9.82
CA LYS A 150 47.41 5.50 -11.21
C LYS A 150 47.95 4.10 -11.50
N ASP A 151 47.20 3.36 -12.32
CA ASP A 151 47.66 2.10 -12.92
C ASP A 151 47.99 1.03 -11.90
N TYR A 152 46.97 0.45 -11.27
CA TYR A 152 47.16 -0.63 -10.33
C TYR A 152 46.18 -1.74 -10.65
N PHE A 153 46.51 -2.93 -10.15
CA PHE A 153 45.65 -4.08 -10.35
C PHE A 153 46.01 -5.18 -9.35
N PRO A 154 44.99 -5.80 -8.74
CA PRO A 154 43.58 -5.47 -8.89
C PRO A 154 43.11 -4.46 -7.85
N GLU A 155 41.79 -4.25 -7.78
CA GLU A 155 41.19 -3.52 -6.68
C GLU A 155 41.40 -4.34 -5.41
N PRO A 156 41.37 -3.68 -4.24
CA PRO A 156 41.19 -2.25 -4.02
C PRO A 156 42.49 -1.54 -3.63
N VAL A 157 42.40 -0.23 -3.48
CA VAL A 157 43.46 0.57 -2.88
C VAL A 157 42.83 1.45 -1.81
N THR A 158 43.60 1.79 -0.78
CA THR A 158 43.14 2.71 0.25
C THR A 158 43.99 3.97 0.24
N VAL A 159 43.37 5.09 0.55
CA VAL A 159 44.04 6.39 0.64
C VAL A 159 43.61 7.05 1.92
N SER A 160 44.57 7.43 2.77
CA SER A 160 44.33 8.33 3.87
C SER A 160 45.25 9.54 3.73
N TRP A 161 45.01 10.54 4.58
CA TRP A 161 45.80 11.77 4.57
C TRP A 161 46.38 12.00 5.95
N ASN A 162 47.69 12.23 6.01
CA ASN A 162 48.40 12.45 7.27
C ASN A 162 48.08 11.35 8.27
N SER A 163 48.08 10.10 7.79
CA SER A 163 47.89 8.90 8.61
C SER A 163 46.53 8.91 9.30
N GLY A 164 45.51 9.38 8.59
CA GLY A 164 44.16 9.42 9.12
C GLY A 164 43.83 10.64 9.95
N ALA A 165 44.80 11.53 10.20
CA ALA A 165 44.53 12.70 11.03
C ALA A 165 43.70 13.74 10.27
N LEU A 166 43.82 13.79 8.95
CA LEU A 166 43.11 14.76 8.13
C LEU A 166 41.97 14.06 7.41
N THR A 167 40.73 14.41 7.76
CA THR A 167 39.57 13.77 7.16
C THR A 167 38.60 14.80 6.59
N SER A 168 38.57 15.99 7.19
CA SER A 168 37.62 17.00 6.75
C SER A 168 37.97 17.51 5.36
N GLY A 169 36.96 17.55 4.48
CA GLY A 169 37.15 18.05 3.14
C GLY A 169 37.82 17.08 2.19
N VAL A 170 37.98 15.81 2.57
CA VAL A 170 38.60 14.81 1.73
C VAL A 170 37.55 14.20 0.82
N HIS A 171 37.87 14.10 -0.47
CA HIS A 171 37.06 13.38 -1.44
C HIS A 171 37.95 12.37 -2.14
N THR A 172 37.75 11.10 -1.86
CA THR A 172 38.48 10.04 -2.54
C THR A 172 37.54 9.40 -3.55
N PHE A 173 37.83 9.60 -4.83
CA PHE A 173 36.89 9.23 -5.86
C PHE A 173 36.88 7.72 -6.07
N PRO A 174 35.76 7.18 -6.57
CA PRO A 174 35.74 5.77 -6.96
C PRO A 174 36.79 5.49 -8.03
N ALA A 175 37.33 4.28 -8.00
CA ALA A 175 38.28 3.89 -9.02
C ALA A 175 37.60 3.79 -10.38
N VAL A 176 38.38 4.08 -11.43
CA VAL A 176 37.90 3.97 -12.81
C VAL A 176 38.76 2.94 -13.52
N LEU A 177 38.11 2.01 -14.20
CA LEU A 177 38.82 1.03 -15.02
C LEU A 177 39.25 1.70 -16.32
N GLN A 178 40.56 1.71 -16.58
CA GLN A 178 41.09 2.32 -17.78
C GLN A 178 41.10 1.32 -18.93
N SER A 179 41.25 1.85 -20.15
CA SER A 179 41.27 0.99 -21.34
C SER A 179 42.40 -0.02 -21.30
N SER A 180 43.47 0.27 -20.54
CA SER A 180 44.56 -0.67 -20.36
C SER A 180 44.20 -1.87 -19.48
N GLY A 181 43.00 -1.89 -18.89
CA GLY A 181 42.66 -2.90 -17.92
C GLY A 181 43.14 -2.62 -16.51
N LEU A 182 43.85 -1.51 -16.29
CA LEU A 182 44.35 -1.12 -14.98
C LEU A 182 43.47 -0.04 -14.35
N TYR A 183 43.48 0.03 -13.04
CA TYR A 183 42.65 0.97 -12.31
C TYR A 183 43.42 2.24 -11.97
N SER A 184 42.66 3.30 -11.74
CA SER A 184 43.22 4.59 -11.38
C SER A 184 42.18 5.36 -10.58
N LEU A 185 42.64 6.06 -9.55
CA LEU A 185 41.75 6.96 -8.82
C LEU A 185 42.54 8.14 -8.29
N SER A 186 41.79 9.18 -7.93
CA SER A 186 42.35 10.38 -7.33
C SER A 186 41.68 10.60 -5.98
N SER A 187 42.46 11.11 -5.04
CA SER A 187 41.95 11.59 -3.76
C SER A 187 42.37 13.04 -3.62
N VAL A 188 41.42 13.92 -3.29
CA VAL A 188 41.72 15.34 -3.14
C VAL A 188 41.24 15.80 -1.78
N VAL A 189 41.74 16.96 -1.36
CA VAL A 189 41.35 17.58 -0.10
C VAL A 189 41.49 19.08 -0.25
N THR A 190 40.58 19.83 0.37
CA THR A 190 40.65 21.28 0.41
C THR A 190 41.10 21.72 1.79
N VAL A 191 42.09 22.61 1.82
CA VAL A 191 42.73 23.02 3.07
C VAL A 191 42.85 24.55 3.07
N PRO A 192 43.14 25.18 4.21
CA PRO A 192 43.31 26.65 4.19
C PRO A 192 44.52 27.06 3.37
N SER A 193 44.32 28.09 2.54
CA SER A 193 45.44 28.61 1.74
C SER A 193 46.58 29.11 2.63
N SER A 194 46.24 29.70 3.78
CA SER A 194 47.26 30.34 4.60
C SER A 194 48.23 29.33 5.20
N SER A 195 47.85 28.05 5.25
CA SER A 195 48.65 27.02 5.92
C SER A 195 49.60 26.29 4.99
N LEU A 196 49.60 26.60 3.69
CA LEU A 196 50.37 25.80 2.73
C LEU A 196 51.86 25.82 3.04
N GLY A 197 52.38 26.94 3.53
CA GLY A 197 53.78 26.99 3.89
C GLY A 197 54.11 26.32 5.21
N THR A 198 53.12 26.06 6.03
CA THR A 198 53.32 25.54 7.38
C THR A 198 52.94 24.08 7.53
N GLN A 199 51.75 23.71 7.09
CA GLN A 199 51.21 22.37 7.29
C GLN A 199 51.71 21.42 6.22
N THR A 200 52.08 20.22 6.63
CA THR A 200 52.50 19.17 5.72
C THR A 200 51.30 18.29 5.35
N TYR A 201 51.20 17.95 4.06
CA TYR A 201 50.12 17.12 3.56
C TYR A 201 50.73 15.91 2.85
N ILE A 202 50.39 14.72 3.35
CA ILE A 202 50.90 13.46 2.82
C ILE A 202 49.71 12.53 2.62
N CYS A 203 49.60 11.95 1.43
CA CYS A 203 48.60 10.92 1.18
C CYS A 203 49.26 9.55 1.40
N ASN A 204 48.58 8.70 2.16
CA ASN A 204 49.08 7.38 2.52
C ASN A 204 48.33 6.35 1.68
N VAL A 205 49.00 5.83 0.66
CA VAL A 205 48.40 4.91 -0.29
C VAL A 205 48.80 3.49 0.08
N ASN A 206 47.83 2.59 0.16
CA ASN A 206 48.09 1.19 0.49
C ASN A 206 47.39 0.33 -0.54
N HIS A 207 48.18 -0.46 -1.26
CA HIS A 207 47.65 -1.43 -2.22
C HIS A 207 48.06 -2.81 -1.70
N LYS A 208 47.17 -3.40 -0.90
CA LYS A 208 47.46 -4.71 -0.29
C LYS A 208 47.75 -5.80 -1.30
N PRO A 209 46.99 -5.97 -2.39
CA PRO A 209 47.28 -7.09 -3.30
C PRO A 209 48.71 -7.15 -3.79
N SER A 210 49.40 -6.02 -3.92
CA SER A 210 50.79 -6.00 -4.37
C SER A 210 51.77 -5.70 -3.24
N ASN A 211 51.29 -5.60 -2.00
CA ASN A 211 52.11 -5.19 -0.85
C ASN A 211 52.83 -3.87 -1.12
N THR A 212 52.08 -2.92 -1.68
CA THR A 212 52.62 -1.61 -2.04
C THR A 212 52.07 -0.58 -1.06
N LYS A 213 52.97 0.13 -0.39
CA LYS A 213 52.62 1.24 0.49
C LYS A 213 53.40 2.44 0.02
N VAL A 214 52.71 3.53 -0.30
CA VAL A 214 53.35 4.76 -0.73
C VAL A 214 52.81 5.90 0.13
N ASP A 215 53.72 6.71 0.66
CA ASP A 215 53.40 7.96 1.35
C ASP A 215 53.98 9.07 0.50
N LYS A 216 53.12 9.87 -0.13
CA LYS A 216 53.53 10.91 -1.05
C LYS A 216 53.29 12.27 -0.40
N LYS A 217 54.37 13.02 -0.21
CA LYS A 217 54.28 14.40 0.25
C LYS A 217 53.82 15.28 -0.91
N VAL A 218 52.82 16.12 -0.66
CA VAL A 218 52.23 16.95 -1.71
C VAL A 218 52.49 18.41 -1.33
N GLU A 219 53.30 19.09 -2.11
CA GLU A 219 53.69 20.46 -1.83
C GLU A 219 53.57 21.29 -3.10
N PRO A 220 53.47 22.62 -2.97
CA PRO A 220 53.45 23.46 -4.16
C PRO A 220 54.71 23.27 -4.99
N LYS A 221 54.56 23.36 -6.30
CA LYS A 221 55.70 23.29 -7.21
C LYS A 221 56.30 24.69 -7.34
N SER A 222 57.60 24.80 -7.08
CA SER A 222 58.26 26.11 -7.11
C SER A 222 59.23 26.20 -8.29
N ILE B 3 -16.13 10.37 -14.41
CA ILE B 3 -15.64 9.24 -13.63
C ILE B 3 -14.34 9.65 -12.92
N GLN B 4 -14.44 9.92 -11.61
CA GLN B 4 -13.32 10.43 -10.85
C GLN B 4 -12.78 9.47 -9.80
N MET B 5 -13.55 8.45 -9.42
CA MET B 5 -13.08 7.41 -8.50
C MET B 5 -13.64 6.08 -8.98
N THR B 6 -12.75 5.16 -9.37
CA THR B 6 -13.12 3.80 -9.78
C THR B 6 -12.59 2.83 -8.72
N GLN B 7 -13.51 2.15 -8.04
CA GLN B 7 -13.18 1.31 -6.88
C GLN B 7 -13.21 -0.16 -7.28
N SER B 8 -12.23 -0.92 -6.79
CA SER B 8 -12.17 -2.35 -7.05
C SER B 8 -11.47 -3.09 -5.92
N PRO B 9 -11.94 -4.31 -5.60
CA PRO B 9 -13.09 -4.97 -6.23
C PRO B 9 -14.40 -4.46 -5.64
N SER B 10 -15.53 -4.75 -6.30
CA SER B 10 -16.82 -4.31 -5.77
C SER B 10 -17.32 -5.22 -4.66
N SER B 11 -16.87 -6.48 -4.61
CA SER B 11 -17.26 -7.39 -3.54
C SER B 11 -16.11 -8.35 -3.30
N LEU B 12 -15.99 -8.80 -2.06
CA LEU B 12 -14.90 -9.69 -1.68
C LEU B 12 -15.36 -10.61 -0.56
N SER B 13 -15.13 -11.91 -0.74
CA SER B 13 -15.43 -12.92 0.27
C SER B 13 -14.14 -13.24 1.01
N ALA B 14 -14.16 -13.10 2.34
CA ALA B 14 -12.93 -13.21 3.11
C ALA B 14 -13.22 -13.81 4.49
N SER B 15 -12.14 -14.17 5.19
CA SER B 15 -12.20 -14.82 6.49
C SER B 15 -11.49 -13.98 7.53
N VAL B 16 -11.86 -14.21 8.79
CA VAL B 16 -11.19 -13.56 9.92
C VAL B 16 -9.72 -13.88 9.88
N GLY B 17 -8.88 -12.86 10.02
CA GLY B 17 -7.45 -13.00 9.93
C GLY B 17 -6.87 -12.67 8.57
N ASP B 18 -7.70 -12.64 7.54
CA ASP B 18 -7.18 -12.38 6.20
C ASP B 18 -6.66 -10.96 6.07
N ARG B 19 -5.84 -10.76 5.04
CA ARG B 19 -5.30 -9.46 4.66
C ARG B 19 -6.01 -9.01 3.39
N VAL B 20 -6.69 -7.87 3.47
CA VAL B 20 -7.55 -7.38 2.40
C VAL B 20 -6.99 -6.07 1.84
N THR B 21 -7.05 -5.90 0.53
CA THR B 21 -6.59 -4.69 -0.13
C THR B 21 -7.66 -4.18 -1.08
N ILE B 22 -8.10 -2.94 -0.86
CA ILE B 22 -9.14 -2.30 -1.66
C ILE B 22 -8.53 -1.10 -2.36
N THR B 23 -8.79 -0.97 -3.67
CA THR B 23 -8.16 0.05 -4.50
C THR B 23 -9.20 1.01 -5.06
N CYS B 24 -8.84 2.30 -5.08
CA CYS B 24 -9.58 3.32 -5.82
C CYS B 24 -8.61 4.08 -6.72
N ARG B 25 -8.93 4.13 -8.01
CA ARG B 25 -8.17 4.94 -8.98
C ARG B 25 -8.81 6.30 -9.08
N ALA B 26 -8.05 7.34 -8.72
CA ALA B 26 -8.59 8.69 -8.66
C ALA B 26 -8.22 9.49 -9.91
N SER B 27 -8.91 10.63 -10.07
CA SER B 27 -8.59 11.54 -11.16
C SER B 27 -7.39 12.43 -10.82
N GLN B 28 -7.15 12.69 -9.54
CA GLN B 28 -6.03 13.48 -9.06
C GLN B 28 -5.07 12.59 -8.27
N SER B 29 -3.85 13.11 -8.05
CA SER B 29 -2.87 12.44 -7.21
C SER B 29 -2.61 13.18 -5.91
N VAL B 30 -3.45 14.17 -5.57
CA VAL B 30 -3.28 14.92 -4.34
C VAL B 30 -3.66 14.03 -3.17
N SER B 31 -2.68 13.62 -2.38
CA SER B 31 -2.98 12.68 -1.30
C SER B 31 -3.81 13.33 -0.20
N SER B 32 -3.73 14.65 -0.04
CA SER B 32 -4.50 15.31 1.02
C SER B 32 -6.00 15.10 0.86
N ALA B 33 -6.48 14.83 -0.36
CA ALA B 33 -7.90 14.91 -0.66
C ALA B 33 -8.63 13.57 -0.56
N VAL B 34 -7.97 12.48 -0.18
CA VAL B 34 -8.56 11.14 -0.26
C VAL B 34 -8.81 10.60 1.14
N ALA B 35 -9.99 10.02 1.33
CA ALA B 35 -10.41 9.44 2.61
C ALA B 35 -11.12 8.12 2.37
N TRP B 36 -11.17 7.28 3.41
CA TRP B 36 -11.82 5.97 3.37
C TRP B 36 -12.85 5.88 4.49
N TYR B 37 -14.00 5.27 4.18
CA TYR B 37 -15.13 5.15 5.10
C TYR B 37 -15.61 3.70 5.15
N GLN B 38 -16.13 3.32 6.31
CA GLN B 38 -16.79 2.04 6.51
C GLN B 38 -18.27 2.29 6.80
N GLN B 39 -19.14 1.46 6.23
CA GLN B 39 -20.57 1.62 6.49
C GLN B 39 -21.24 0.26 6.66
N LYS B 40 -22.04 0.13 7.70
CA LYS B 40 -22.81 -1.07 7.98
C LYS B 40 -24.30 -0.82 7.77
N PRO B 41 -25.09 -1.86 7.55
CA PRO B 41 -26.51 -1.66 7.21
C PRO B 41 -27.22 -0.76 8.22
N GLY B 42 -28.00 0.18 7.70
CA GLY B 42 -28.80 1.05 8.54
C GLY B 42 -28.02 2.06 9.36
N LYS B 43 -26.76 2.30 9.02
CA LYS B 43 -25.94 3.24 9.79
C LYS B 43 -25.22 4.20 8.84
N ALA B 44 -24.79 5.33 9.40
CA ALA B 44 -24.00 6.31 8.68
C ALA B 44 -22.57 5.81 8.49
N PRO B 45 -21.89 6.25 7.45
CA PRO B 45 -20.47 5.89 7.28
C PRO B 45 -19.63 6.36 8.46
N LYS B 46 -18.56 5.62 8.74
CA LYS B 46 -17.58 5.96 9.76
C LYS B 46 -16.24 6.23 9.06
N LEU B 47 -15.61 7.36 9.41
CA LEU B 47 -14.31 7.70 8.83
C LEU B 47 -13.23 6.77 9.35
N LEU B 48 -12.41 6.25 8.43
CA LEU B 48 -11.27 5.39 8.77
C LEU B 48 -9.92 6.04 8.52
N ILE B 49 -9.70 6.50 7.30
CA ILE B 49 -8.44 7.09 6.87
C ILE B 49 -8.76 8.46 6.29
N TYR B 50 -7.88 9.43 6.52
CA TYR B 50 -7.99 10.74 5.90
C TYR B 50 -6.62 11.13 5.36
N SER B 51 -6.61 12.02 4.38
CA SER B 51 -5.38 12.46 3.73
C SER B 51 -4.56 11.25 3.24
N ALA B 52 -5.27 10.28 2.63
CA ALA B 52 -4.72 9.10 1.98
C ALA B 52 -4.17 8.06 2.94
N SER B 53 -3.48 8.49 4.01
CA SER B 53 -2.73 7.56 4.84
C SER B 53 -2.78 7.84 6.33
N SER B 54 -3.46 8.89 6.77
CA SER B 54 -3.51 9.21 8.19
C SER B 54 -4.69 8.48 8.81
N LEU B 55 -4.44 7.87 9.97
CA LEU B 55 -5.42 7.04 10.67
C LEU B 55 -6.28 7.90 11.58
N TYR B 56 -7.60 7.87 11.38
CA TYR B 56 -8.50 8.68 12.18
C TYR B 56 -8.55 8.16 13.61
N SER B 57 -8.64 9.10 14.56
CA SER B 57 -8.54 8.72 15.97
C SER B 57 -9.63 7.72 16.35
N GLY B 58 -9.21 6.67 17.07
CA GLY B 58 -10.09 5.59 17.45
C GLY B 58 -10.14 4.42 16.48
N VAL B 59 -9.65 4.58 15.26
CA VAL B 59 -9.68 3.49 14.29
C VAL B 59 -8.54 2.53 14.58
N PRO B 60 -8.78 1.21 14.58
CA PRO B 60 -7.70 0.26 14.90
C PRO B 60 -6.56 0.34 13.90
N SER B 61 -5.35 0.00 14.38
CA SER B 61 -4.14 0.12 13.58
C SER B 61 -4.06 -0.89 12.45
N ARG B 62 -4.92 -1.92 12.44
CA ARG B 62 -4.93 -2.85 11.31
C ARG B 62 -5.41 -2.20 10.02
N PHE B 63 -6.04 -1.03 10.10
CA PHE B 63 -6.42 -0.25 8.92
C PHE B 63 -5.28 0.68 8.54
N SER B 64 -4.97 0.73 7.25
CA SER B 64 -3.93 1.64 6.76
C SER B 64 -4.24 2.04 5.32
N GLY B 65 -3.71 3.20 4.92
CA GLY B 65 -3.95 3.72 3.59
C GLY B 65 -2.67 4.20 2.96
N SER B 66 -2.67 4.19 1.63
CA SER B 66 -1.46 4.57 0.90
C SER B 66 -1.86 5.05 -0.49
N ARG B 67 -0.89 5.67 -1.17
CA ARG B 67 -1.07 6.16 -2.52
C ARG B 67 0.12 5.76 -3.38
N SER B 68 -0.18 5.30 -4.60
CA SER B 68 0.83 5.09 -5.62
C SER B 68 0.28 5.70 -6.90
N GLY B 69 0.87 6.81 -7.34
CA GLY B 69 0.34 7.53 -8.48
C GLY B 69 -1.05 8.05 -8.16
N THR B 70 -2.02 7.68 -9.00
CA THR B 70 -3.41 8.00 -8.73
C THR B 70 -4.18 6.82 -8.14
N ASP B 71 -3.48 5.75 -7.78
CA ASP B 71 -4.08 4.61 -7.09
C ASP B 71 -4.01 4.83 -5.58
N PHE B 72 -5.17 4.79 -4.93
CA PHE B 72 -5.27 4.87 -3.48
C PHE B 72 -5.79 3.53 -2.97
N THR B 73 -5.13 2.98 -1.95
CA THR B 73 -5.50 1.68 -1.42
C THR B 73 -5.74 1.73 0.07
N LEU B 74 -6.75 0.99 0.51
CA LEU B 74 -7.01 0.71 1.91
C LEU B 74 -6.63 -0.73 2.19
N THR B 75 -5.81 -0.95 3.21
CA THR B 75 -5.38 -2.29 3.59
C THR B 75 -5.92 -2.61 4.98
N ILE B 76 -6.45 -3.82 5.13
CA ILE B 76 -6.85 -4.34 6.44
C ILE B 76 -5.98 -5.56 6.70
N SER B 77 -5.07 -5.44 7.68
CA SER B 77 -4.01 -6.42 7.82
C SER B 77 -4.50 -7.74 8.42
N SER B 78 -5.53 -7.70 9.27
CA SER B 78 -6.02 -8.91 9.91
C SER B 78 -7.52 -8.74 10.16
N LEU B 79 -8.32 -9.19 9.20
CA LEU B 79 -9.75 -8.92 9.21
C LEU B 79 -10.40 -9.48 10.48
N GLN B 80 -11.22 -8.67 11.12
CA GLN B 80 -11.94 -9.04 12.33
C GLN B 80 -13.43 -9.13 12.05
N PRO B 81 -14.20 -9.81 12.92
CA PRO B 81 -15.65 -9.94 12.66
C PRO B 81 -16.35 -8.61 12.47
N GLU B 82 -15.96 -7.56 13.18
CA GLU B 82 -16.59 -6.26 13.02
C GLU B 82 -16.20 -5.55 11.73
N ASP B 83 -15.32 -6.14 10.92
CA ASP B 83 -14.83 -5.45 9.73
C ASP B 83 -15.61 -5.81 8.47
N PHE B 84 -16.46 -6.82 8.52
CA PHE B 84 -17.30 -7.14 7.38
C PHE B 84 -18.35 -6.04 7.24
N ALA B 85 -18.33 -5.36 6.11
CA ALA B 85 -19.06 -4.12 5.87
C ALA B 85 -18.80 -3.67 4.44
N THR B 86 -19.29 -2.48 4.12
CA THR B 86 -19.04 -1.85 2.84
C THR B 86 -18.08 -0.69 3.05
N TYR B 87 -17.07 -0.60 2.20
CA TYR B 87 -16.03 0.42 2.32
C TYR B 87 -16.07 1.34 1.11
N TYR B 88 -16.00 2.64 1.37
CA TYR B 88 -16.07 3.67 0.34
C TYR B 88 -14.83 4.54 0.41
N CYS B 89 -14.22 4.79 -0.75
CA CYS B 89 -13.21 5.83 -0.86
C CYS B 89 -13.88 7.15 -1.26
N GLN B 90 -13.20 8.26 -0.95
CA GLN B 90 -13.73 9.58 -1.21
C GLN B 90 -12.62 10.47 -1.75
N GLN B 91 -12.92 11.26 -2.77
CA GLN B 91 -12.02 12.31 -3.25
C GLN B 91 -12.72 13.65 -3.12
N ASP B 92 -12.22 14.49 -2.24
CA ASP B 92 -12.73 15.85 -2.09
C ASP B 92 -11.95 16.72 -3.07
N GLY B 93 -12.45 16.79 -4.30
CA GLY B 93 -11.70 17.38 -5.39
C GLY B 93 -11.80 18.89 -5.44
N TRP B 94 -11.20 19.44 -6.50
CA TRP B 94 -11.17 20.90 -6.68
C TRP B 94 -12.58 21.48 -6.74
N SER B 95 -13.48 20.82 -7.46
CA SER B 95 -14.86 21.29 -7.55
C SER B 95 -15.92 20.29 -7.10
N LEU B 96 -15.62 18.99 -7.04
CA LEU B 96 -16.62 17.98 -6.73
C LEU B 96 -16.11 17.00 -5.70
N ILE B 97 -17.03 16.54 -4.84
CA ILE B 97 -16.76 15.43 -3.93
C ILE B 97 -17.26 14.16 -4.60
N THR B 98 -16.35 13.21 -4.84
CA THR B 98 -16.67 11.96 -5.51
C THR B 98 -16.42 10.78 -4.57
N PHE B 99 -17.37 9.86 -4.51
CA PHE B 99 -17.19 8.62 -3.76
C PHE B 99 -16.98 7.46 -4.72
N GLY B 100 -16.21 6.47 -4.25
CA GLY B 100 -16.16 5.21 -4.95
C GLY B 100 -17.50 4.48 -4.93
N GLN B 101 -17.64 3.52 -5.85
CA GLN B 101 -18.86 2.70 -5.89
C GLN B 101 -19.02 1.84 -4.65
N GLY B 102 -17.95 1.62 -3.91
CA GLY B 102 -18.02 0.84 -2.69
C GLY B 102 -17.50 -0.56 -2.88
N THR B 103 -17.05 -1.15 -1.78
CA THR B 103 -16.56 -2.53 -1.77
C THR B 103 -17.22 -3.24 -0.59
N LYS B 104 -18.02 -4.26 -0.88
CA LYS B 104 -18.71 -5.02 0.16
C LYS B 104 -17.86 -6.24 0.52
N VAL B 105 -17.40 -6.28 1.76
CA VAL B 105 -16.61 -7.40 2.27
C VAL B 105 -17.54 -8.35 3.00
N GLU B 106 -17.79 -9.53 2.41
CA GLU B 106 -18.68 -10.53 2.96
C GLU B 106 -17.87 -11.67 3.59
N ILE B 107 -18.54 -12.48 4.39
CA ILE B 107 -17.90 -13.59 5.11
C ILE B 107 -17.90 -14.82 4.21
N LYS B 108 -16.72 -15.39 4.00
CA LYS B 108 -16.60 -16.63 3.25
C LYS B 108 -17.02 -17.83 4.11
N ARG B 109 -17.72 -18.77 3.50
CA ARG B 109 -18.08 -20.01 4.17
C ARG B 109 -18.28 -21.10 3.12
N THR B 110 -18.57 -22.32 3.60
CA THR B 110 -18.81 -23.44 2.72
C THR B 110 -20.17 -23.29 2.03
N VAL B 111 -20.28 -23.96 0.88
CA VAL B 111 -21.52 -23.94 0.11
C VAL B 111 -22.64 -24.56 0.92
N ALA B 112 -23.79 -23.89 0.96
CA ALA B 112 -24.98 -24.41 1.63
C ALA B 112 -26.16 -24.29 0.67
N ALA B 113 -26.79 -25.42 0.37
CA ALA B 113 -27.99 -25.41 -0.46
C ALA B 113 -29.12 -24.69 0.27
N PRO B 114 -29.97 -23.99 -0.47
CA PRO B 114 -31.14 -23.36 0.16
C PRO B 114 -32.19 -24.39 0.54
N SER B 115 -32.91 -24.09 1.62
CA SER B 115 -34.15 -24.79 1.94
C SER B 115 -35.30 -24.03 1.29
N VAL B 116 -36.01 -24.69 0.37
CA VAL B 116 -36.97 -24.03 -0.49
C VAL B 116 -38.39 -24.31 0.03
N PHE B 117 -39.13 -23.24 0.30
CA PHE B 117 -40.49 -23.33 0.80
C PHE B 117 -41.41 -22.48 -0.06
N ILE B 118 -42.67 -22.88 -0.16
CA ILE B 118 -43.64 -22.14 -0.95
C ILE B 118 -44.88 -21.89 -0.10
N PHE B 119 -45.44 -20.69 -0.25
CA PHE B 119 -46.63 -20.26 0.50
C PHE B 119 -47.70 -19.83 -0.48
N PRO B 120 -48.84 -20.51 -0.55
CA PRO B 120 -49.94 -20.04 -1.38
C PRO B 120 -50.49 -18.73 -0.82
N PRO B 121 -51.21 -17.96 -1.62
CA PRO B 121 -51.83 -16.74 -1.08
C PRO B 121 -52.87 -17.09 -0.03
N SER B 122 -52.99 -16.23 0.98
CA SER B 122 -53.98 -16.45 2.01
C SER B 122 -55.38 -16.23 1.46
N ASP B 123 -56.37 -16.84 2.12
CA ASP B 123 -57.76 -16.59 1.75
C ASP B 123 -58.12 -15.12 1.96
N SER B 124 -57.53 -14.49 2.97
CA SER B 124 -57.78 -13.07 3.21
C SER B 124 -57.38 -12.22 2.01
N GLN B 125 -56.22 -12.50 1.41
CA GLN B 125 -55.76 -11.70 0.28
C GLN B 125 -56.62 -11.93 -0.96
N LEU B 126 -57.02 -13.17 -1.21
CA LEU B 126 -57.81 -13.48 -2.40
C LEU B 126 -59.08 -12.64 -2.43
N LYS B 127 -59.71 -12.43 -1.27
CA LYS B 127 -60.94 -11.64 -1.23
C LYS B 127 -60.71 -10.18 -1.61
N SER B 128 -59.47 -9.69 -1.52
CA SER B 128 -59.17 -8.32 -1.90
C SER B 128 -58.90 -8.16 -3.40
N GLY B 129 -58.79 -9.26 -4.15
CA GLY B 129 -58.65 -9.20 -5.59
C GLY B 129 -57.27 -9.54 -6.14
N THR B 130 -56.29 -9.82 -5.28
CA THR B 130 -54.93 -10.11 -5.72
C THR B 130 -54.45 -11.38 -5.05
N ALA B 131 -53.57 -12.11 -5.74
CA ALA B 131 -52.93 -13.30 -5.21
C ALA B 131 -51.41 -13.12 -5.26
N SER B 132 -50.76 -13.23 -4.10
CA SER B 132 -49.31 -13.25 -4.01
C SER B 132 -48.86 -14.63 -3.56
N VAL B 133 -48.03 -15.29 -4.38
CA VAL B 133 -47.45 -16.58 -4.04
C VAL B 133 -45.98 -16.35 -3.72
N VAL B 134 -45.56 -16.71 -2.51
CA VAL B 134 -44.21 -16.44 -2.03
C VAL B 134 -43.41 -17.74 -2.05
N CYS B 135 -42.18 -17.67 -2.56
CA CYS B 135 -41.22 -18.76 -2.51
C CYS B 135 -40.03 -18.33 -1.66
N LEU B 136 -39.70 -19.12 -0.65
CA LEU B 136 -38.68 -18.76 0.32
C LEU B 136 -37.48 -19.69 0.14
N LEU B 137 -36.31 -19.10 -0.08
CA LEU B 137 -35.03 -19.82 -0.13
C LEU B 137 -34.25 -19.45 1.13
N ASN B 138 -34.12 -20.39 2.06
CA ASN B 138 -33.64 -20.08 3.39
C ASN B 138 -32.21 -20.57 3.61
N ASN B 139 -31.38 -19.68 4.17
CA ASN B 139 -30.05 -20.00 4.71
C ASN B 139 -29.17 -20.74 3.70
N PHE B 140 -28.85 -20.05 2.61
CA PHE B 140 -28.00 -20.62 1.58
C PHE B 140 -26.74 -19.78 1.39
N TYR B 141 -25.77 -20.36 0.68
CA TYR B 141 -24.51 -19.68 0.34
C TYR B 141 -23.83 -20.43 -0.81
N PRO B 142 -23.29 -19.69 -1.79
CA PRO B 142 -23.21 -18.22 -1.87
C PRO B 142 -24.53 -17.58 -2.29
N ARG B 143 -24.47 -16.26 -2.46
CA ARG B 143 -25.68 -15.45 -2.62
C ARG B 143 -26.37 -15.69 -3.96
N GLU B 144 -25.63 -16.05 -5.00
CA GLU B 144 -26.22 -16.16 -6.32
C GLU B 144 -27.21 -17.34 -6.38
N ALA B 145 -28.40 -17.07 -6.92
CA ALA B 145 -29.46 -18.06 -7.04
C ALA B 145 -30.46 -17.57 -8.07
N LYS B 146 -31.08 -18.52 -8.77
CA LYS B 146 -32.14 -18.25 -9.71
C LYS B 146 -33.44 -18.88 -9.22
N VAL B 147 -34.53 -18.13 -9.37
CA VAL B 147 -35.87 -18.65 -9.10
C VAL B 147 -36.72 -18.38 -10.34
N GLN B 148 -37.29 -19.44 -10.90
CA GLN B 148 -38.20 -19.33 -12.04
C GLN B 148 -39.55 -19.90 -11.64
N TRP B 149 -40.61 -19.15 -11.92
CA TRP B 149 -41.97 -19.57 -11.57
C TRP B 149 -42.62 -20.30 -12.74
N LYS B 150 -43.45 -21.29 -12.40
CA LYS B 150 -44.22 -22.03 -13.39
C LYS B 150 -45.64 -22.18 -12.89
N VAL B 151 -46.61 -21.91 -13.76
CA VAL B 151 -48.03 -22.02 -13.45
C VAL B 151 -48.63 -22.98 -14.47
N ASP B 152 -48.96 -24.19 -14.03
CA ASP B 152 -49.39 -25.27 -14.92
C ASP B 152 -48.35 -25.50 -16.02
N ASN B 153 -47.08 -25.59 -15.59
CA ASN B 153 -45.90 -25.81 -16.44
C ASN B 153 -45.57 -24.60 -17.31
N ALA B 154 -46.47 -23.63 -17.40
CA ALA B 154 -46.20 -22.42 -18.16
C ALA B 154 -45.23 -21.55 -17.36
N LEU B 155 -44.01 -21.40 -17.87
CA LEU B 155 -43.00 -20.61 -17.18
C LEU B 155 -43.36 -19.13 -17.21
N GLN B 156 -43.32 -18.48 -16.06
CA GLN B 156 -43.70 -17.09 -15.92
C GLN B 156 -42.50 -16.18 -16.12
N SER B 157 -42.77 -14.93 -16.49
CA SER B 157 -41.73 -13.94 -16.71
C SER B 157 -42.31 -12.54 -16.49
N GLY B 158 -41.60 -11.72 -15.71
CA GLY B 158 -41.96 -10.33 -15.54
C GLY B 158 -43.01 -10.05 -14.49
N ASN B 159 -43.67 -11.06 -13.94
CA ASN B 159 -44.70 -10.87 -12.92
C ASN B 159 -44.20 -11.28 -11.53
N SER B 160 -42.90 -11.22 -11.30
CA SER B 160 -42.33 -11.59 -10.02
C SER B 160 -41.26 -10.59 -9.61
N GLN B 161 -41.05 -10.47 -8.30
CA GLN B 161 -40.00 -9.62 -7.74
C GLN B 161 -39.34 -10.37 -6.60
N GLU B 162 -38.04 -10.12 -6.43
CA GLU B 162 -37.23 -10.84 -5.45
C GLU B 162 -36.58 -9.87 -4.47
N SER B 163 -36.22 -10.40 -3.31
CA SER B 163 -35.58 -9.62 -2.26
C SER B 163 -34.64 -10.54 -1.50
N VAL B 164 -33.47 -10.01 -1.13
CA VAL B 164 -32.41 -10.79 -0.47
C VAL B 164 -32.06 -10.13 0.85
N THR B 165 -31.86 -10.95 1.88
CA THR B 165 -31.42 -10.44 3.17
C THR B 165 -29.92 -10.17 3.17
N GLU B 166 -29.48 -9.33 4.11
CA GLU B 166 -28.06 -9.20 4.39
C GLU B 166 -27.52 -10.51 4.94
N GLN B 167 -26.21 -10.71 4.80
CA GLN B 167 -25.58 -11.92 5.30
C GLN B 167 -25.81 -12.04 6.80
N ASP B 168 -26.35 -13.17 7.23
CA ASP B 168 -26.51 -13.43 8.65
C ASP B 168 -25.13 -13.53 9.29
N SER B 169 -24.85 -12.71 10.29
CA SER B 169 -23.52 -12.69 10.88
C SER B 169 -23.22 -13.95 11.71
N LYS B 170 -24.23 -14.76 12.02
CA LYS B 170 -24.01 -15.93 12.87
C LYS B 170 -23.64 -17.17 12.05
N ASP B 171 -24.37 -17.46 10.97
CA ASP B 171 -24.06 -18.61 10.13
C ASP B 171 -23.57 -18.23 8.74
N SER B 172 -23.45 -16.93 8.46
CA SER B 172 -22.88 -16.43 7.20
C SER B 172 -23.71 -16.84 5.98
N THR B 173 -25.03 -16.99 6.15
CA THR B 173 -25.90 -17.42 5.06
C THR B 173 -26.80 -16.27 4.60
N TYR B 174 -27.36 -16.44 3.41
CA TYR B 174 -28.34 -15.52 2.86
C TYR B 174 -29.70 -16.21 2.79
N SER B 175 -30.76 -15.41 2.72
CA SER B 175 -32.10 -15.89 2.42
C SER B 175 -32.70 -15.00 1.35
N LEU B 176 -33.59 -15.57 0.55
CA LEU B 176 -34.19 -14.86 -0.56
C LEU B 176 -35.68 -15.17 -0.64
N SER B 177 -36.48 -14.14 -0.88
CA SER B 177 -37.90 -14.29 -1.14
C SER B 177 -38.19 -13.92 -2.58
N SER B 178 -39.03 -14.72 -3.23
CA SER B 178 -39.52 -14.45 -4.58
C SER B 178 -41.05 -14.46 -4.53
N THR B 179 -41.65 -13.34 -4.90
CA THR B 179 -43.10 -13.16 -4.84
C THR B 179 -43.66 -13.09 -6.25
N LEU B 180 -44.63 -13.96 -6.54
CA LEU B 180 -45.35 -13.96 -7.81
C LEU B 180 -46.70 -13.29 -7.61
N THR B 181 -46.99 -12.28 -8.42
CA THR B 181 -48.19 -11.46 -8.27
C THR B 181 -49.12 -11.69 -9.45
N LEU B 182 -50.29 -12.26 -9.19
CA LEU B 182 -51.35 -12.43 -10.18
C LEU B 182 -52.64 -11.84 -9.65
N SER B 183 -53.62 -11.70 -10.54
CA SER B 183 -54.96 -11.34 -10.12
C SER B 183 -55.67 -12.58 -9.56
N LYS B 184 -56.73 -12.35 -8.79
CA LYS B 184 -57.49 -13.48 -8.27
C LYS B 184 -58.07 -14.31 -9.40
N ALA B 185 -58.58 -13.65 -10.44
CA ALA B 185 -59.09 -14.37 -11.60
C ALA B 185 -58.03 -15.29 -12.19
N ASP B 186 -56.86 -14.73 -12.51
CA ASP B 186 -55.78 -15.53 -13.08
C ASP B 186 -55.36 -16.65 -12.14
N TYR B 187 -55.33 -16.38 -10.82
CA TYR B 187 -54.89 -17.40 -9.88
C TYR B 187 -55.87 -18.57 -9.81
N GLU B 188 -57.17 -18.28 -9.78
CA GLU B 188 -58.17 -19.34 -9.77
C GLU B 188 -58.35 -20.00 -11.13
N LYS B 189 -57.61 -19.56 -12.15
CA LYS B 189 -57.65 -20.23 -13.46
C LYS B 189 -56.88 -21.53 -13.46
N HIS B 190 -55.88 -21.65 -12.60
CA HIS B 190 -54.87 -22.69 -12.74
C HIS B 190 -54.77 -23.50 -11.45
N LYS B 191 -53.98 -24.57 -11.54
CA LYS B 191 -53.86 -25.53 -10.45
C LYS B 191 -52.46 -25.58 -9.87
N VAL B 192 -51.43 -25.87 -10.67
CA VAL B 192 -50.08 -26.10 -10.16
C VAL B 192 -49.29 -24.81 -10.17
N TYR B 193 -48.78 -24.42 -8.99
CA TYR B 193 -47.88 -23.28 -8.87
C TYR B 193 -46.55 -23.78 -8.33
N ALA B 194 -45.50 -23.65 -9.13
CA ALA B 194 -44.21 -24.26 -8.86
C ALA B 194 -43.10 -23.21 -8.79
N CYS B 195 -42.21 -23.38 -7.82
CA CYS B 195 -41.03 -22.55 -7.66
C CYS B 195 -39.80 -23.42 -7.94
N GLU B 196 -39.04 -23.05 -8.97
CA GLU B 196 -37.86 -23.81 -9.37
C GLU B 196 -36.61 -23.00 -9.03
N VAL B 197 -35.72 -23.59 -8.23
CA VAL B 197 -34.56 -22.91 -7.67
C VAL B 197 -33.29 -23.50 -8.27
N THR B 198 -32.42 -22.65 -8.81
CA THR B 198 -31.10 -23.04 -9.29
C THR B 198 -30.05 -22.45 -8.35
N HIS B 199 -29.19 -23.30 -7.79
CA HIS B 199 -28.17 -22.85 -6.87
C HIS B 199 -26.98 -23.79 -6.94
N GLN B 200 -25.81 -23.25 -6.59
CA GLN B 200 -24.57 -24.03 -6.63
C GLN B 200 -24.63 -25.25 -5.73
N GLY B 201 -25.34 -25.15 -4.60
CA GLY B 201 -25.44 -26.24 -3.64
C GLY B 201 -26.34 -27.37 -4.04
N LEU B 202 -27.06 -27.24 -5.14
CA LEU B 202 -28.00 -28.24 -5.64
C LEU B 202 -27.42 -28.89 -6.89
N SER B 203 -27.35 -30.23 -6.89
CA SER B 203 -26.86 -30.93 -8.07
C SER B 203 -27.73 -30.69 -9.29
N SER B 204 -29.03 -30.50 -9.08
CA SER B 204 -30.01 -30.21 -10.11
C SER B 204 -31.03 -29.25 -9.55
N PRO B 205 -31.64 -28.41 -10.39
CA PRO B 205 -32.65 -27.46 -9.89
C PRO B 205 -33.79 -28.17 -9.16
N VAL B 206 -34.13 -27.65 -7.99
CA VAL B 206 -35.18 -28.22 -7.13
C VAL B 206 -36.46 -27.42 -7.33
N THR B 207 -37.58 -28.11 -7.39
CA THR B 207 -38.89 -27.50 -7.57
C THR B 207 -39.73 -27.74 -6.31
N LYS B 208 -40.35 -26.68 -5.82
CA LYS B 208 -41.33 -26.74 -4.74
C LYS B 208 -42.66 -26.25 -5.32
N SER B 209 -43.73 -27.01 -5.09
CA SER B 209 -45.00 -26.70 -5.75
C SER B 209 -46.16 -27.12 -4.85
N PHE B 210 -47.37 -26.75 -5.29
CA PHE B 210 -48.61 -27.12 -4.61
C PHE B 210 -49.75 -27.07 -5.63
N ASN B 211 -50.82 -27.79 -5.31
CA ASN B 211 -52.02 -27.85 -6.13
C ASN B 211 -53.13 -27.03 -5.47
N ARG B 212 -53.74 -26.13 -6.23
CA ARG B 212 -54.91 -25.42 -5.73
C ARG B 212 -56.04 -26.40 -5.44
N GLY B 213 -56.70 -26.22 -4.30
CA GLY B 213 -57.62 -27.22 -3.83
C GLY B 213 -56.86 -28.44 -3.35
N GLU B 214 -57.50 -29.31 -2.58
CA GLU B 214 -56.82 -30.39 -1.90
C GLU B 214 -55.66 -29.84 -1.07
N CYS B 215 -56.03 -28.98 -0.12
CA CYS B 215 -55.13 -28.42 0.87
C CYS B 215 -54.10 -29.45 1.31
N ILE C 3 9.62 -15.06 -13.76
CA ILE C 3 10.83 -15.03 -12.95
C ILE C 3 11.54 -13.69 -13.19
N GLN C 4 10.90 -12.60 -12.77
CA GLN C 4 11.35 -11.25 -13.09
C GLN C 4 10.85 -10.28 -12.03
N MET C 5 11.70 -9.30 -11.70
CA MET C 5 11.36 -8.21 -10.79
C MET C 5 11.72 -6.89 -11.46
N THR C 6 10.73 -6.02 -11.67
CA THR C 6 10.94 -4.70 -12.27
C THR C 6 10.71 -3.65 -11.19
N GLN C 7 11.78 -2.98 -10.77
CA GLN C 7 11.75 -2.06 -9.65
C GLN C 7 11.73 -0.62 -10.13
N SER C 8 10.88 0.20 -9.50
CA SER C 8 10.80 1.61 -9.84
C SER C 8 10.43 2.45 -8.61
N PRO C 9 10.92 3.71 -8.56
CA PRO C 9 11.85 4.31 -9.52
C PRO C 9 13.26 3.82 -9.28
N SER C 10 14.16 4.04 -10.23
CA SER C 10 15.54 3.64 -10.03
C SER C 10 16.29 4.60 -9.12
N SER C 11 15.90 5.87 -9.11
CA SER C 11 16.45 6.82 -8.15
C SER C 11 15.37 7.80 -7.74
N LEU C 12 15.49 8.30 -6.52
CA LEU C 12 14.52 9.23 -5.96
C LEU C 12 15.24 10.20 -5.04
N SER C 13 14.97 11.49 -5.19
CA SER C 13 15.50 12.51 -4.30
C SER C 13 14.38 12.95 -3.36
N ALA C 14 14.67 12.96 -2.06
CA ALA C 14 13.64 13.26 -1.08
C ALA C 14 14.29 13.96 0.10
N SER C 15 13.45 14.39 1.03
CA SER C 15 13.89 15.11 2.22
C SER C 15 13.44 14.39 3.48
N VAL C 16 14.10 14.70 4.58
CA VAL C 16 13.76 14.11 5.87
C VAL C 16 12.31 14.44 6.20
N GLY C 17 11.54 13.41 6.54
CA GLY C 17 10.14 13.55 6.85
C GLY C 17 9.19 13.14 5.73
N ASP C 18 9.71 12.93 4.52
CA ASP C 18 8.87 12.64 3.38
C ASP C 18 8.33 11.20 3.43
N ARG C 19 7.22 11.00 2.74
CA ARG C 19 6.64 9.67 2.56
C ARG C 19 7.05 9.13 1.19
N VAL C 20 7.77 8.02 1.19
CA VAL C 20 8.41 7.47 -0.01
C VAL C 20 7.78 6.13 -0.34
N THR C 21 7.52 5.90 -1.63
CA THR C 21 6.87 4.68 -2.11
C THR C 21 7.73 4.06 -3.21
N ILE C 22 8.15 2.81 -3.01
CA ILE C 22 8.96 2.06 -3.96
C ILE C 22 8.20 0.79 -4.33
N THR C 23 8.07 0.52 -5.64
CA THR C 23 7.29 -0.63 -6.09
C THR C 23 8.15 -1.57 -6.92
N CYS C 24 7.83 -2.86 -6.82
CA CYS C 24 8.39 -3.91 -7.67
C CYS C 24 7.24 -4.72 -8.26
N ARG C 25 7.18 -4.81 -9.58
CA ARG C 25 6.23 -5.71 -10.22
C ARG C 25 6.90 -7.08 -10.37
N ALA C 26 6.31 -8.09 -9.76
CA ALA C 26 6.85 -9.44 -9.74
C ALA C 26 6.21 -10.28 -10.84
N SER C 27 6.74 -11.49 -10.99
CA SER C 27 6.16 -12.47 -11.92
C SER C 27 5.07 -13.31 -11.28
N GLN C 28 5.07 -13.44 -9.94
CA GLN C 28 4.08 -14.21 -9.22
C GLN C 28 3.47 -13.36 -8.11
N SER C 29 2.32 -13.80 -7.60
CA SER C 29 1.59 -13.07 -6.58
C SER C 29 1.70 -13.71 -5.20
N VAL C 30 2.62 -14.65 -5.02
CA VAL C 30 2.80 -15.31 -3.73
C VAL C 30 3.47 -14.33 -2.78
N SER C 31 2.73 -13.85 -1.78
CA SER C 31 3.27 -12.83 -0.89
C SER C 31 4.37 -13.38 0.02
N SER C 32 4.40 -14.70 0.27
CA SER C 32 5.44 -15.26 1.12
C SER C 32 6.83 -15.08 0.52
N ALA C 33 6.92 -14.95 -0.80
CA ALA C 33 8.18 -15.05 -1.51
C ALA C 33 8.92 -13.72 -1.67
N VAL C 34 8.34 -12.60 -1.25
CA VAL C 34 8.89 -11.28 -1.54
C VAL C 34 9.41 -10.65 -0.26
N ALA C 35 10.63 -10.10 -0.34
CA ALA C 35 11.29 -9.43 0.76
C ALA C 35 11.95 -8.15 0.24
N TRP C 36 12.20 -7.22 1.17
CA TRP C 36 12.81 -5.93 0.85
C TRP C 36 14.08 -5.75 1.68
N TYR C 37 15.12 -5.21 1.04
CA TYR C 37 16.41 -5.01 1.69
C TYR C 37 16.87 -3.56 1.50
N GLN C 38 17.69 -3.11 2.44
CA GLN C 38 18.36 -1.82 2.37
C GLN C 38 19.86 -2.06 2.33
N GLN C 39 20.58 -1.30 1.49
CA GLN C 39 22.03 -1.45 1.40
C GLN C 39 22.69 -0.08 1.32
N LYS C 40 23.73 0.11 2.12
CA LYS C 40 24.58 1.29 2.12
C LYS C 40 25.94 0.97 1.55
N PRO C 41 26.65 1.96 0.98
CA PRO C 41 27.89 1.66 0.26
C PRO C 41 28.90 0.90 1.10
N GLY C 42 29.51 -0.12 0.51
CA GLY C 42 30.49 -0.95 1.18
C GLY C 42 29.95 -1.82 2.29
N LYS C 43 28.63 -2.00 2.40
CA LYS C 43 28.05 -2.80 3.46
C LYS C 43 27.13 -3.87 2.87
N ALA C 44 26.89 -4.91 3.66
CA ALA C 44 25.98 -5.96 3.24
C ALA C 44 24.54 -5.45 3.30
N PRO C 45 23.67 -5.97 2.43
CA PRO C 45 22.24 -5.64 2.53
C PRO C 45 21.67 -6.05 3.87
N LYS C 46 20.66 -5.29 4.34
CA LYS C 46 19.97 -5.56 5.59
C LYS C 46 18.49 -5.83 5.30
N LEU C 47 17.95 -6.84 5.98
CA LEU C 47 16.56 -7.23 5.77
C LEU C 47 15.61 -6.23 6.44
N LEU C 48 14.63 -5.75 5.67
CA LEU C 48 13.62 -4.83 6.17
C LEU C 48 12.26 -5.49 6.31
N ILE C 49 11.77 -6.10 5.23
CA ILE C 49 10.43 -6.67 5.14
C ILE C 49 10.58 -8.08 4.59
N TYR C 50 9.85 -9.03 5.16
CA TYR C 50 9.78 -10.38 4.64
C TYR C 50 8.31 -10.79 4.50
N SER C 51 8.07 -11.78 3.64
CA SER C 51 6.71 -12.25 3.32
C SER C 51 5.79 -11.07 2.95
N ALA C 52 6.35 -10.14 2.16
CA ALA C 52 5.66 -9.02 1.53
C ALA C 52 5.32 -7.90 2.51
N SER C 53 4.91 -8.24 3.74
CA SER C 53 4.37 -7.23 4.64
C SER C 53 4.78 -7.41 6.10
N SER C 54 5.58 -8.41 6.44
CA SER C 54 6.02 -8.60 7.82
C SER C 54 7.31 -7.83 8.07
N LEU C 55 7.31 -7.06 9.15
CA LEU C 55 8.45 -6.23 9.53
C LEU C 55 9.49 -7.06 10.28
N TYR C 56 10.72 -7.08 9.79
CA TYR C 56 11.78 -7.82 10.45
C TYR C 56 12.17 -7.17 11.77
N SER C 57 12.60 -7.99 12.73
CA SER C 57 12.89 -7.51 14.07
C SER C 57 13.96 -6.42 14.05
N GLY C 58 13.73 -5.35 14.81
CA GLY C 58 14.64 -4.22 14.87
C GLY C 58 14.41 -3.15 13.84
N VAL C 59 13.58 -3.41 12.83
CA VAL C 59 13.30 -2.42 11.79
C VAL C 59 12.23 -1.46 12.28
N PRO C 60 12.44 -0.15 12.15
CA PRO C 60 11.46 0.82 12.64
C PRO C 60 10.11 0.69 11.94
N SER C 61 9.06 1.08 12.65
CA SER C 61 7.70 0.93 12.14
C SER C 61 7.38 1.88 11.00
N ARG C 62 8.23 2.86 10.71
CA ARG C 62 8.01 3.70 9.54
C ARG C 62 8.20 2.94 8.24
N PHE C 63 8.83 1.76 8.27
CA PHE C 63 8.88 0.88 7.12
C PHE C 63 7.66 -0.05 7.09
N SER C 64 7.08 -0.22 5.91
CA SER C 64 5.96 -1.15 5.75
C SER C 64 5.93 -1.66 4.31
N GLY C 65 5.40 -2.85 4.13
CA GLY C 65 5.29 -3.46 2.82
C GLY C 65 3.89 -3.93 2.52
N SER C 66 3.54 -3.93 1.24
CA SER C 66 2.22 -4.38 0.83
C SER C 66 2.31 -5.06 -0.53
N ARG C 67 1.21 -5.72 -0.90
CA ARG C 67 1.08 -6.38 -2.19
C ARG C 67 -0.28 -6.04 -2.79
N SER C 68 -0.28 -5.77 -4.10
CA SER C 68 -1.52 -5.54 -4.84
C SER C 68 -1.37 -6.29 -6.17
N GLY C 69 -2.07 -7.41 -6.31
CA GLY C 69 -1.83 -8.28 -7.45
C GLY C 69 -0.40 -8.79 -7.44
N THR C 70 0.33 -8.52 -8.52
CA THR C 70 1.75 -8.84 -8.59
C THR C 70 2.64 -7.63 -8.29
N ASP C 71 2.05 -6.53 -7.85
CA ASP C 71 2.79 -5.33 -7.49
C ASP C 71 3.09 -5.35 -6.00
N PHE C 72 4.37 -5.26 -5.64
CA PHE C 72 4.81 -5.23 -4.25
C PHE C 72 5.40 -3.85 -3.96
N THR C 73 5.01 -3.26 -2.85
CA THR C 73 5.34 -1.88 -2.53
C THR C 73 5.99 -1.78 -1.17
N LEU C 74 7.13 -1.09 -1.10
CA LEU C 74 7.75 -0.69 0.15
C LEU C 74 7.47 0.79 0.40
N THR C 75 6.95 1.12 1.58
CA THR C 75 6.63 2.48 1.95
C THR C 75 7.45 2.90 3.16
N ILE C 76 8.04 4.08 3.09
CA ILE C 76 8.71 4.69 4.23
C ILE C 76 7.92 5.93 4.59
N SER C 77 7.26 5.91 5.76
CA SER C 77 6.26 6.94 6.07
C SER C 77 6.89 8.27 6.45
N SER C 78 8.11 8.26 7.01
CA SER C 78 8.73 9.51 7.47
C SER C 78 10.23 9.34 7.36
N LEU C 79 10.78 9.76 6.22
CA LEU C 79 12.17 9.49 5.87
C LEU C 79 13.12 10.11 6.88
N GLN C 80 14.09 9.33 7.34
CA GLN C 80 15.08 9.73 8.33
C GLN C 80 16.47 9.76 7.71
N PRO C 81 17.42 10.48 8.32
CA PRO C 81 18.76 10.57 7.71
C PRO C 81 19.42 9.22 7.50
N GLU C 82 19.18 8.24 8.36
CA GLU C 82 19.77 6.93 8.14
C GLU C 82 19.06 6.14 7.05
N ASP C 83 17.99 6.66 6.47
CA ASP C 83 17.23 5.90 5.47
C ASP C 83 17.75 6.11 4.04
N PHE C 84 18.52 7.18 3.80
CA PHE C 84 19.07 7.43 2.48
C PHE C 84 20.09 6.35 2.13
N ALA C 85 19.77 5.55 1.13
CA ALA C 85 20.46 4.31 0.82
C ALA C 85 19.84 3.75 -0.47
N THR C 86 20.31 2.58 -0.88
CA THR C 86 19.71 1.83 -1.97
C THR C 86 18.83 0.72 -1.38
N TYR C 87 17.67 0.50 -2.00
CA TYR C 87 16.71 -0.50 -1.56
C TYR C 87 16.47 -1.52 -2.67
N TYR C 88 16.41 -2.80 -2.30
CA TYR C 88 16.22 -3.88 -3.25
C TYR C 88 15.03 -4.74 -2.81
N CYS C 89 14.17 -5.08 -3.77
CA CYS C 89 13.18 -6.13 -3.57
C CYS C 89 13.74 -7.47 -4.03
N GLN C 90 13.21 -8.54 -3.45
CA GLN C 90 13.65 -9.90 -3.72
C GLN C 90 12.43 -10.79 -3.90
N GLN C 91 12.48 -11.67 -4.90
CA GLN C 91 11.48 -12.72 -5.07
C GLN C 91 12.19 -14.06 -4.97
N ASP C 92 11.83 -14.85 -3.96
CA ASP C 92 12.34 -16.21 -3.79
C ASP C 92 11.36 -17.16 -4.47
N GLY C 93 11.58 -17.41 -5.76
CA GLY C 93 10.62 -18.13 -6.57
C GLY C 93 10.78 -19.65 -6.52
N TRP C 94 9.93 -20.31 -7.32
CA TRP C 94 9.92 -21.77 -7.39
C TRP C 94 11.31 -22.33 -7.68
N SER C 95 12.05 -21.71 -8.60
CA SER C 95 13.36 -22.22 -8.96
C SER C 95 14.49 -21.19 -8.91
N LEU C 96 14.20 -19.90 -9.01
CA LEU C 96 15.24 -18.89 -9.02
C LEU C 96 14.91 -17.77 -8.04
N ILE C 97 15.94 -17.20 -7.44
CA ILE C 97 15.83 -16.02 -6.60
C ILE C 97 16.20 -14.81 -7.46
N THR C 98 15.30 -13.84 -7.54
CA THR C 98 15.49 -12.66 -8.38
C THR C 98 15.46 -11.41 -7.51
N PHE C 99 16.38 -10.49 -7.77
CA PHE C 99 16.39 -9.20 -7.12
C PHE C 99 15.95 -8.12 -8.11
N GLY C 100 15.28 -7.09 -7.58
CA GLY C 100 15.01 -5.91 -8.37
C GLY C 100 16.29 -5.14 -8.64
N GLN C 101 16.21 -4.21 -9.61
CA GLN C 101 17.38 -3.45 -10.02
C GLN C 101 17.83 -2.43 -8.97
N GLY C 102 16.98 -2.11 -8.01
CA GLY C 102 17.35 -1.24 -6.91
C GLY C 102 16.83 0.17 -7.06
N THR C 103 16.61 0.83 -5.92
CA THR C 103 16.17 2.22 -5.87
C THR C 103 17.13 2.98 -4.97
N LYS C 104 17.78 3.99 -5.52
CA LYS C 104 18.72 4.82 -4.76
C LYS C 104 17.98 6.06 -4.28
N VAL C 105 17.81 6.17 -2.97
CA VAL C 105 17.14 7.31 -2.35
C VAL C 105 18.22 8.29 -1.91
N GLU C 106 18.24 9.48 -2.50
CA GLU C 106 19.22 10.51 -2.18
C GLU C 106 18.51 11.74 -1.59
N ILE C 107 19.32 12.65 -1.04
CA ILE C 107 18.80 13.81 -0.31
C ILE C 107 18.66 14.98 -1.27
N LYS C 108 17.46 15.56 -1.33
CA LYS C 108 17.24 16.79 -2.08
C LYS C 108 17.85 17.97 -1.34
N ARG C 109 18.43 18.91 -2.09
CA ARG C 109 18.95 20.15 -1.52
C ARG C 109 18.96 21.23 -2.60
N THR C 110 19.30 22.44 -2.20
CA THR C 110 19.37 23.55 -3.13
C THR C 110 20.53 23.37 -4.11
N VAL C 111 20.42 24.03 -5.26
CA VAL C 111 21.49 24.02 -6.24
C VAL C 111 22.75 24.63 -5.63
N ALA C 112 23.91 24.05 -5.97
CA ALA C 112 25.20 24.59 -5.56
C ALA C 112 26.18 24.49 -6.73
N ALA C 113 26.75 25.62 -7.12
CA ALA C 113 27.72 25.63 -8.19
C ALA C 113 29.00 24.90 -7.79
N PRO C 114 29.67 24.23 -8.73
CA PRO C 114 30.95 23.62 -8.41
C PRO C 114 32.07 24.64 -8.33
N SER C 115 33.05 24.33 -7.49
CA SER C 115 34.33 25.02 -7.51
C SER C 115 35.27 24.21 -8.41
N VAL C 116 35.77 24.83 -9.46
CA VAL C 116 36.52 24.13 -10.49
C VAL C 116 38.01 24.41 -10.33
N PHE C 117 38.81 23.35 -10.29
CA PHE C 117 40.26 23.50 -10.22
C PHE C 117 40.89 22.54 -11.22
N ILE C 118 42.09 22.91 -11.70
CA ILE C 118 42.80 22.13 -12.70
C ILE C 118 44.21 21.88 -12.21
N PHE C 119 44.72 20.68 -12.46
CA PHE C 119 46.05 20.25 -12.00
C PHE C 119 46.82 19.75 -13.22
N PRO C 120 47.93 20.39 -13.58
CA PRO C 120 48.77 19.85 -14.64
C PRO C 120 49.41 18.55 -14.18
N PRO C 121 49.93 17.74 -15.11
CA PRO C 121 50.65 16.54 -14.70
C PRO C 121 51.95 16.91 -13.99
N SER C 122 52.34 16.06 -13.05
CA SER C 122 53.57 16.30 -12.31
C SER C 122 54.77 15.95 -13.18
N ASP C 123 55.92 16.57 -12.87
CA ASP C 123 57.16 16.21 -13.54
C ASP C 123 57.49 14.74 -13.32
N SER C 124 57.15 14.21 -12.14
CA SER C 124 57.35 12.79 -11.87
C SER C 124 56.63 11.92 -12.88
N GLN C 125 55.37 12.24 -13.18
CA GLN C 125 54.61 11.42 -14.12
C GLN C 125 55.17 11.55 -15.53
N LEU C 126 55.53 12.76 -15.94
CA LEU C 126 56.06 12.97 -17.29
C LEU C 126 57.31 12.12 -17.52
N LYS C 127 58.15 11.99 -16.50
CA LYS C 127 59.33 11.14 -16.64
C LYS C 127 58.96 9.68 -16.87
N SER C 128 57.81 9.23 -16.32
CA SER C 128 57.36 7.86 -16.57
C SER C 128 56.77 7.68 -17.96
N GLY C 129 56.55 8.76 -18.72
CA GLY C 129 56.11 8.67 -20.09
C GLY C 129 54.66 9.04 -20.34
N THR C 130 53.88 9.36 -19.30
CA THR C 130 52.47 9.67 -19.47
C THR C 130 52.15 11.03 -18.84
N ALA C 131 50.98 11.56 -19.21
CA ALA C 131 50.51 12.85 -18.71
C ALA C 131 49.03 12.76 -18.38
N SER C 132 48.68 12.93 -17.11
CA SER C 132 47.30 13.00 -16.68
C SER C 132 47.01 14.43 -16.23
N VAL C 133 46.00 15.05 -16.84
CA VAL C 133 45.54 16.38 -16.47
C VAL C 133 44.21 16.20 -15.75
N VAL C 134 44.13 16.67 -14.50
CA VAL C 134 42.96 16.44 -13.66
C VAL C 134 42.19 17.74 -13.52
N CYS C 135 40.88 17.66 -13.73
CA CYS C 135 39.95 18.76 -13.46
C CYS C 135 39.03 18.35 -12.33
N LEU C 136 38.96 19.19 -11.30
CA LEU C 136 38.18 18.90 -10.09
C LEU C 136 36.98 19.83 -10.01
N LEU C 137 35.79 19.25 -9.90
CA LEU C 137 34.55 19.97 -9.67
C LEU C 137 34.09 19.62 -8.25
N ASN C 138 34.18 20.59 -7.34
CA ASN C 138 34.08 20.29 -5.93
C ASN C 138 32.76 20.78 -5.34
N ASN C 139 32.07 19.89 -4.63
CA ASN C 139 30.94 20.23 -3.76
C ASN C 139 29.84 20.97 -4.52
N PHE C 140 29.27 20.29 -5.51
CA PHE C 140 28.19 20.86 -6.31
C PHE C 140 26.92 20.02 -6.18
N TYR C 141 25.81 20.59 -6.63
CA TYR C 141 24.51 19.92 -6.65
C TYR C 141 23.61 20.63 -7.66
N PRO C 142 22.85 19.87 -8.46
CA PRO C 142 22.75 18.40 -8.48
C PRO C 142 23.90 17.70 -9.22
N ARG C 143 23.82 16.36 -9.31
CA ARG C 143 24.92 15.57 -9.86
C ARG C 143 25.24 15.93 -11.31
N GLU C 144 24.24 16.30 -12.09
CA GLU C 144 24.46 16.48 -13.52
C GLU C 144 25.42 17.62 -13.78
N ALA C 145 26.47 17.33 -14.56
CA ALA C 145 27.46 18.32 -14.94
C ALA C 145 28.21 17.81 -16.17
N LYS C 146 28.56 18.73 -17.06
CA LYS C 146 29.31 18.40 -18.26
C LYS C 146 30.69 19.05 -18.19
N VAL C 147 31.74 18.25 -18.40
CA VAL C 147 33.11 18.71 -18.46
C VAL C 147 33.59 18.55 -19.90
N GLN C 148 34.15 19.62 -20.46
CA GLN C 148 34.67 19.62 -21.82
C GLN C 148 36.14 20.00 -21.79
N TRP C 149 36.99 19.12 -22.34
CA TRP C 149 38.42 19.38 -22.40
C TRP C 149 38.80 20.06 -23.71
N LYS C 150 39.70 21.04 -23.62
CA LYS C 150 40.20 21.78 -24.78
C LYS C 150 41.72 21.84 -24.70
N VAL C 151 42.39 21.53 -25.80
CA VAL C 151 43.84 21.54 -25.88
C VAL C 151 44.21 22.46 -27.05
N ASP C 152 44.69 23.66 -26.73
CA ASP C 152 44.88 24.73 -27.72
C ASP C 152 43.58 24.97 -28.49
N ASN C 153 42.47 25.04 -27.75
CA ASN C 153 41.13 25.26 -28.26
C ASN C 153 40.59 24.06 -29.05
N ALA C 154 41.42 23.07 -29.33
CA ALA C 154 40.94 21.86 -29.99
C ALA C 154 40.14 21.01 -29.01
N LEU C 155 38.91 20.68 -29.39
CA LEU C 155 37.98 20.00 -28.51
C LEU C 155 38.30 18.50 -28.46
N GLN C 156 38.51 18.00 -27.26
CA GLN C 156 38.93 16.62 -27.07
C GLN C 156 37.72 15.69 -26.99
N SER C 157 37.92 14.44 -27.39
CA SER C 157 36.86 13.46 -27.35
C SER C 157 37.48 12.08 -27.20
N GLY C 158 36.93 11.28 -26.29
CA GLY C 158 37.35 9.91 -26.12
C GLY C 158 38.60 9.67 -25.30
N ASN C 159 39.30 10.73 -24.87
CA ASN C 159 40.54 10.56 -24.11
C ASN C 159 40.42 11.07 -22.67
N SER C 160 39.21 11.06 -22.11
CA SER C 160 39.04 11.44 -20.71
C SER C 160 38.08 10.46 -20.03
N GLN C 161 38.16 10.41 -18.71
CA GLN C 161 37.28 9.60 -17.90
C GLN C 161 36.88 10.39 -16.65
N GLU C 162 35.66 10.18 -16.20
CA GLU C 162 35.09 10.89 -15.07
C GLU C 162 34.81 9.94 -13.92
N SER C 163 34.80 10.51 -12.71
CA SER C 163 34.47 9.77 -11.50
C SER C 163 33.73 10.71 -10.57
N VAL C 164 32.71 10.21 -9.87
CA VAL C 164 31.86 11.03 -9.03
C VAL C 164 31.73 10.39 -7.67
N THR C 165 31.87 11.20 -6.62
CA THR C 165 31.71 10.70 -5.26
C THR C 165 30.24 10.51 -4.94
N GLU C 166 29.99 9.79 -3.85
CA GLU C 166 28.66 9.71 -3.29
C GLU C 166 28.31 11.03 -2.61
N GLN C 167 27.02 11.19 -2.32
CA GLN C 167 26.55 12.41 -1.67
C GLN C 167 27.26 12.59 -0.33
N ASP C 168 27.86 13.76 -0.13
CA ASP C 168 28.58 14.00 1.11
C ASP C 168 27.62 13.98 2.28
N SER C 169 27.97 13.24 3.33
CA SER C 169 27.07 13.08 4.47
C SER C 169 26.83 14.36 5.26
N LYS C 170 27.60 15.42 5.01
CA LYS C 170 27.47 16.68 5.75
C LYS C 170 26.69 17.73 4.95
N ASP C 171 27.07 17.99 3.70
CA ASP C 171 26.42 19.03 2.91
C ASP C 171 25.65 18.49 1.73
N SER C 172 25.61 17.17 1.53
CA SER C 172 24.78 16.53 0.51
C SER C 172 25.18 16.93 -0.91
N THR C 173 26.43 17.36 -1.09
CA THR C 173 26.94 17.74 -2.40
C THR C 173 27.70 16.57 -3.03
N TYR C 174 28.01 16.72 -4.32
CA TYR C 174 28.84 15.80 -5.06
C TYR C 174 30.14 16.48 -5.47
N SER C 175 31.16 15.67 -5.71
CA SER C 175 32.38 16.14 -6.33
C SER C 175 32.72 15.20 -7.48
N LEU C 176 33.44 15.73 -8.46
CA LEU C 176 33.70 15.01 -9.70
C LEU C 176 35.11 15.30 -10.16
N SER C 177 35.82 14.26 -10.58
CA SER C 177 37.13 14.39 -11.19
C SER C 177 37.04 13.95 -12.64
N SER C 178 37.60 14.76 -13.54
CA SER C 178 37.73 14.40 -14.94
C SER C 178 39.22 14.39 -15.28
N THR C 179 39.72 13.26 -15.75
CA THR C 179 41.13 13.09 -16.03
C THR C 179 41.34 12.95 -17.53
N LEU C 180 42.12 13.87 -18.10
CA LEU C 180 42.55 13.78 -19.49
C LEU C 180 43.89 13.06 -19.54
N THR C 181 43.98 12.02 -20.36
CA THR C 181 45.18 11.19 -20.44
C THR C 181 45.80 11.30 -21.83
N LEU C 182 47.06 11.73 -21.87
CA LEU C 182 47.83 11.78 -23.11
C LEU C 182 49.21 11.17 -22.85
N SER C 183 49.88 10.81 -23.94
CA SER C 183 51.28 10.44 -23.82
C SER C 183 52.11 11.68 -23.53
N LYS C 184 53.33 11.45 -23.03
CA LYS C 184 54.24 12.57 -22.78
C LYS C 184 54.51 13.34 -24.07
N ALA C 185 54.71 12.63 -25.18
CA ALA C 185 54.98 13.29 -26.45
C ALA C 185 53.81 14.15 -26.88
N ASP C 186 52.59 13.59 -26.81
CA ASP C 186 51.40 14.36 -27.19
C ASP C 186 51.21 15.56 -26.26
N TYR C 187 51.41 15.36 -24.96
CA TYR C 187 51.23 16.45 -24.02
C TYR C 187 52.18 17.60 -24.31
N GLU C 188 53.44 17.28 -24.61
CA GLU C 188 54.43 18.33 -24.87
C GLU C 188 54.27 18.97 -26.24
N LYS C 189 53.37 18.45 -27.09
CA LYS C 189 53.13 19.06 -28.39
C LYS C 189 52.32 20.35 -28.29
N HIS C 190 51.60 20.56 -27.20
CA HIS C 190 50.62 21.63 -27.10
C HIS C 190 50.94 22.55 -25.93
N LYS C 191 50.16 23.62 -25.82
CA LYS C 191 50.43 24.70 -24.86
C LYS C 191 49.29 24.90 -23.88
N VAL C 192 48.08 25.18 -24.36
CA VAL C 192 46.97 25.58 -23.49
C VAL C 192 46.07 24.37 -23.25
N TYR C 193 45.90 24.02 -21.98
CA TYR C 193 45.00 22.95 -21.56
C TYR C 193 43.88 23.56 -20.73
N ALA C 194 42.64 23.37 -21.17
CA ALA C 194 41.49 24.01 -20.55
C ALA C 194 40.45 22.97 -20.18
N CYS C 195 39.80 23.19 -19.03
CA CYS C 195 38.66 22.40 -18.58
C CYS C 195 37.45 23.33 -18.50
N GLU C 196 36.43 23.06 -19.32
CA GLU C 196 35.22 23.87 -19.37
C GLU C 196 34.07 23.11 -18.73
N VAL C 197 33.45 23.73 -17.73
CA VAL C 197 32.44 23.09 -16.89
C VAL C 197 31.10 23.76 -17.12
N THR C 198 30.08 22.95 -17.38
CA THR C 198 28.70 23.41 -17.50
C THR C 198 27.89 22.80 -16.38
N HIS C 199 27.21 23.66 -15.60
CA HIS C 199 26.41 23.19 -14.48
C HIS C 199 25.26 24.15 -14.26
N GLN C 200 24.16 23.61 -13.70
CA GLN C 200 22.95 24.39 -13.47
C GLN C 200 23.21 25.59 -12.57
N GLY C 201 24.12 25.45 -11.60
CA GLY C 201 24.42 26.54 -10.69
C GLY C 201 25.27 27.65 -11.27
N LEU C 202 25.73 27.50 -12.51
CA LEU C 202 26.56 28.50 -13.17
C LEU C 202 25.73 29.22 -14.22
N SER C 203 25.70 30.55 -14.16
CA SER C 203 24.99 31.32 -15.18
C SER C 203 25.60 31.10 -16.55
N SER C 204 26.91 30.85 -16.62
CA SER C 204 27.64 30.60 -17.85
C SER C 204 28.72 29.57 -17.58
N PRO C 205 29.10 28.77 -18.58
CA PRO C 205 30.14 27.77 -18.36
C PRO C 205 31.45 28.40 -17.93
N VAL C 206 32.08 27.79 -16.91
CA VAL C 206 33.32 28.29 -16.34
C VAL C 206 34.48 27.45 -16.86
N THR C 207 35.56 28.12 -17.26
CA THR C 207 36.74 27.49 -17.83
C THR C 207 37.93 27.74 -16.91
N LYS C 208 38.59 26.66 -16.50
CA LYS C 208 39.88 26.72 -15.82
C LYS C 208 40.93 26.15 -16.76
N SER C 209 42.06 26.84 -16.88
CA SER C 209 43.07 26.45 -17.85
C SER C 209 44.45 26.81 -17.33
N PHE C 210 45.47 26.30 -18.03
CA PHE C 210 46.85 26.63 -17.73
C PHE C 210 47.68 26.51 -18.99
N ASN C 211 48.84 27.16 -18.97
CA ASN C 211 49.84 27.03 -20.02
C ASN C 211 50.98 26.14 -19.54
N ARG C 212 51.39 25.21 -20.40
CA ARG C 212 52.70 24.53 -20.46
C ARG C 212 52.51 23.09 -20.94
N GLY C 213 53.62 22.44 -21.25
CA GLY C 213 53.58 21.13 -21.89
C GLY C 213 54.01 21.24 -23.34
N SER D 2 -12.64 26.56 22.89
CA SER D 2 -11.45 27.00 22.16
C SER D 2 -11.21 28.50 22.35
N ILE D 3 -10.11 28.83 23.04
CA ILE D 3 -9.86 30.24 23.40
C ILE D 3 -9.67 31.09 22.16
N VAL D 4 -8.96 30.58 21.16
CA VAL D 4 -8.73 31.28 19.90
C VAL D 4 -9.52 30.58 18.80
N SER D 5 -10.31 31.35 18.06
CA SER D 5 -11.11 30.82 16.97
C SER D 5 -10.93 31.71 15.75
N LEU D 6 -10.72 31.10 14.60
CA LEU D 6 -10.59 31.85 13.35
C LEU D 6 -11.95 32.39 12.90
N LEU D 7 -11.97 33.67 12.52
CA LEU D 7 -13.16 34.27 11.93
C LEU D 7 -13.06 34.39 10.42
N GLY D 8 -11.86 34.52 9.88
CA GLY D 8 -11.68 34.59 8.44
C GLY D 8 -10.23 34.61 8.01
N ILE D 9 -9.97 34.15 6.79
CA ILE D 9 -8.65 34.17 6.17
C ILE D 9 -8.83 34.63 4.73
N LYS D 10 -8.30 35.80 4.41
CA LYS D 10 -8.44 36.40 3.09
C LYS D 10 -7.09 36.36 2.38
N VAL D 11 -7.03 35.65 1.26
CA VAL D 11 -5.85 35.67 0.42
C VAL D 11 -5.86 36.96 -0.40
N LEU D 12 -4.89 37.83 -0.14
CA LEU D 12 -4.93 39.19 -0.69
C LEU D 12 -4.43 39.27 -2.12
N ASN D 13 -3.42 38.49 -2.47
CA ASN D 13 -2.79 38.55 -3.79
C ASN D 13 -3.06 37.23 -4.50
N ASN D 14 -4.11 37.19 -5.31
CA ASN D 14 -4.53 35.95 -5.93
C ASN D 14 -5.32 36.23 -7.21
N PRO D 15 -4.88 35.65 -8.34
CA PRO D 15 -3.67 34.83 -8.49
C PRO D 15 -2.39 35.64 -8.34
N ALA D 16 -1.25 34.94 -8.35
CA ALA D 16 0.04 35.58 -8.15
C ALA D 16 1.10 34.74 -8.85
N LYS D 17 2.31 35.28 -8.97
CA LYS D 17 3.41 34.50 -9.47
C LYS D 17 3.82 33.45 -8.45
N PHE D 18 4.33 32.31 -8.95
CA PHE D 18 4.79 31.24 -8.06
C PHE D 18 5.77 31.78 -7.02
N THR D 19 6.63 32.72 -7.40
CA THR D 19 7.64 33.25 -6.50
C THR D 19 7.17 34.44 -5.68
N ASP D 20 5.92 34.88 -5.85
CA ASP D 20 5.42 35.98 -5.04
C ASP D 20 5.15 35.49 -3.62
N PRO D 21 5.45 36.31 -2.60
CA PRO D 21 5.07 35.96 -1.24
C PRO D 21 3.55 35.82 -1.12
N TYR D 22 3.13 34.95 -0.19
CA TYR D 22 1.72 34.83 0.13
C TYR D 22 1.33 35.93 1.10
N GLU D 23 0.22 36.60 0.82
CA GLU D 23 -0.28 37.67 1.69
C GLU D 23 -1.67 37.26 2.19
N PHE D 24 -1.78 37.07 3.50
CA PHE D 24 -3.03 36.70 4.15
C PHE D 24 -3.44 37.78 5.14
N GLU D 25 -4.69 38.19 5.10
CA GLU D 25 -5.29 38.95 6.19
C GLU D 25 -6.07 37.96 7.04
N ILE D 26 -5.62 37.76 8.27
CA ILE D 26 -6.18 36.76 9.18
C ILE D 26 -6.96 37.48 10.25
N THR D 27 -8.18 37.01 10.50
CA THR D 27 -9.05 37.58 11.52
C THR D 27 -9.46 36.46 12.46
N PHE D 28 -9.28 36.67 13.76
CA PHE D 28 -9.57 35.65 14.74
C PHE D 28 -10.13 36.30 15.99
N GLU D 29 -10.82 35.49 16.79
CA GLU D 29 -11.38 35.91 18.05
C GLU D 29 -10.64 35.24 19.19
N CYS D 30 -10.43 35.99 20.27
CA CYS D 30 -9.71 35.52 21.45
C CYS D 30 -10.60 35.72 22.66
N LEU D 31 -10.99 34.62 23.31
CA LEU D 31 -11.94 34.68 24.41
C LEU D 31 -11.29 35.11 25.72
N GLU D 32 -10.00 34.82 25.91
CA GLU D 32 -9.27 35.18 27.13
C GLU D 32 -7.84 35.55 26.77
N SER D 33 -7.31 36.55 27.46
CA SER D 33 -5.95 37.00 27.19
C SER D 33 -4.95 35.85 27.37
N LEU D 34 -4.00 35.77 26.45
CA LEU D 34 -3.04 34.67 26.40
C LEU D 34 -1.66 35.16 26.82
N LYS D 35 -0.99 34.36 27.66
CA LYS D 35 0.32 34.69 28.19
C LYS D 35 1.44 34.47 27.18
N HIS D 36 1.21 33.72 26.10
CA HIS D 36 2.27 33.36 25.17
C HIS D 36 1.89 33.78 23.75
N ASP D 37 2.82 33.53 22.82
CA ASP D 37 2.61 33.88 21.42
C ASP D 37 1.80 32.82 20.69
N LEU D 38 0.94 33.27 19.79
CA LEU D 38 0.40 32.40 18.75
C LEU D 38 1.45 32.23 17.66
N GLU D 39 1.61 30.99 17.19
CA GLU D 39 2.56 30.72 16.11
C GLU D 39 1.79 30.28 14.87
N TRP D 40 1.68 31.20 13.91
CA TRP D 40 1.08 30.87 12.63
C TRP D 40 2.15 30.33 11.69
N LYS D 41 1.80 29.27 10.96
CA LYS D 41 2.71 28.58 10.06
C LYS D 41 2.03 28.36 8.72
N LEU D 42 2.80 28.49 7.64
CA LEU D 42 2.36 28.13 6.30
C LEU D 42 3.24 27.00 5.78
N THR D 43 2.61 25.93 5.32
CA THR D 43 3.32 24.72 4.90
C THR D 43 2.91 24.35 3.48
N TYR D 44 3.91 24.05 2.64
CA TYR D 44 3.67 23.54 1.31
C TYR D 44 3.48 22.02 1.39
N VAL D 45 2.49 21.51 0.66
CA VAL D 45 2.18 20.07 0.65
C VAL D 45 2.07 19.61 -0.79
N GLY D 46 2.92 18.68 -1.18
CA GLY D 46 2.96 18.21 -2.55
C GLY D 46 2.87 16.71 -2.63
N SER D 47 2.25 16.25 -3.72
CA SER D 47 2.17 14.84 -4.07
C SER D 47 2.68 14.69 -5.48
N SER D 48 3.71 13.86 -5.64
CA SER D 48 4.19 13.52 -6.96
C SER D 48 4.56 12.05 -6.92
N ARG D 49 5.14 11.58 -8.03
CA ARG D 49 5.40 10.17 -8.22
C ARG D 49 6.36 9.68 -7.13
N SER D 50 5.91 8.68 -6.37
CA SER D 50 6.66 8.04 -5.29
C SER D 50 6.86 8.94 -4.07
N LEU D 51 6.31 10.16 -4.06
CA LEU D 51 6.68 11.14 -3.06
C LEU D 51 5.47 11.93 -2.57
N ASP D 52 5.23 11.89 -1.26
CA ASP D 52 4.40 12.85 -0.55
C ASP D 52 5.29 13.58 0.45
N HIS D 53 5.23 14.91 0.46
CA HIS D 53 6.23 15.68 1.20
C HIS D 53 5.68 17.04 1.60
N ASP D 54 6.14 17.52 2.77
CA ASP D 54 5.80 18.83 3.29
C ASP D 54 7.05 19.71 3.33
N GLN D 55 6.86 20.99 3.03
CA GLN D 55 7.92 21.99 3.13
C GLN D 55 7.35 23.20 3.86
N GLU D 56 7.91 23.50 5.03
CA GLU D 56 7.47 24.68 5.76
C GLU D 56 7.92 25.93 5.01
N LEU D 57 6.98 26.82 4.72
CA LEU D 57 7.25 28.02 3.95
C LEU D 57 7.68 29.20 4.82
N ASP D 58 6.98 29.43 5.93
CA ASP D 58 7.21 30.60 6.76
C ASP D 58 6.39 30.45 8.04
N SER D 59 6.67 31.33 9.00
CA SER D 59 5.92 31.35 10.25
C SER D 59 6.06 32.74 10.86
N ILE D 60 5.11 33.07 11.74
CA ILE D 60 5.13 34.36 12.44
C ILE D 60 4.57 34.16 13.84
N LEU D 61 5.21 34.81 14.81
CA LEU D 61 4.76 34.82 16.20
C LEU D 61 3.90 36.05 16.43
N VAL D 62 2.73 35.85 17.04
CA VAL D 62 1.80 36.93 17.30
C VAL D 62 1.47 36.93 18.78
N GLY D 63 1.75 38.04 19.46
CA GLY D 63 1.43 38.18 20.87
C GLY D 63 1.98 39.45 21.49
N PRO D 64 1.47 39.82 22.69
CA PRO D 64 0.41 39.11 23.41
C PRO D 64 -0.98 39.39 22.83
N VAL D 65 -1.90 38.46 23.02
CA VAL D 65 -3.19 38.47 22.33
C VAL D 65 -4.23 39.04 23.28
N PRO D 66 -4.85 40.17 22.96
CA PRO D 66 -5.94 40.69 23.80
C PRO D 66 -7.26 39.99 23.50
N VAL D 67 -8.25 40.30 24.34
CA VAL D 67 -9.58 39.72 24.20
C VAL D 67 -10.33 40.43 23.08
N GLY D 68 -11.07 39.68 22.29
CA GLY D 68 -11.91 40.24 21.25
C GLY D 68 -11.44 39.88 19.85
N VAL D 69 -11.86 40.70 18.89
CA VAL D 69 -11.53 40.46 17.50
C VAL D 69 -10.13 41.00 17.24
N ASN D 70 -9.28 40.16 16.66
CA ASN D 70 -7.93 40.54 16.28
C ASN D 70 -7.74 40.30 14.79
N LYS D 71 -6.90 41.14 14.18
CA LYS D 71 -6.69 41.12 12.74
C LYS D 71 -5.24 41.47 12.46
N PHE D 72 -4.59 40.71 11.59
CA PHE D 72 -3.20 40.99 11.23
C PHE D 72 -2.92 40.41 9.85
N VAL D 73 -1.86 40.90 9.23
CA VAL D 73 -1.44 40.44 7.91
C VAL D 73 -0.23 39.53 8.06
N PHE D 74 -0.33 38.33 7.47
CA PHE D 74 0.74 37.35 7.45
C PHE D 74 1.36 37.35 6.06
N SER D 75 2.64 37.71 5.98
CA SER D 75 3.40 37.72 4.71
C SER D 75 4.36 36.54 4.73
N ALA D 76 4.08 35.53 3.92
CA ALA D 76 4.82 34.27 3.95
C ALA D 76 5.69 34.13 2.71
N ASP D 77 6.96 33.78 2.93
CA ASP D 77 7.90 33.56 1.84
C ASP D 77 7.37 32.49 0.87
N PRO D 78 7.70 32.61 -0.40
CA PRO D 78 7.22 31.65 -1.41
C PRO D 78 7.97 30.33 -1.30
N PRO D 79 7.51 29.30 -2.01
CA PRO D 79 8.27 28.04 -2.02
C PRO D 79 9.53 28.17 -2.84
N SER D 80 10.52 27.33 -2.50
CA SER D 80 11.74 27.22 -3.27
C SER D 80 11.55 26.14 -4.33
N ALA D 81 11.53 26.54 -5.60
CA ALA D 81 11.24 25.58 -6.67
C ALA D 81 12.34 24.53 -6.81
N GLU D 82 13.57 24.89 -6.43
CA GLU D 82 14.69 23.96 -6.49
C GLU D 82 14.48 22.76 -5.57
N LEU D 83 13.70 22.92 -4.51
CA LEU D 83 13.43 21.84 -3.56
C LEU D 83 12.16 21.08 -3.88
N ILE D 84 11.55 21.32 -5.03
CA ILE D 84 10.23 20.77 -5.36
C ILE D 84 10.34 19.96 -6.64
N PRO D 85 9.73 18.78 -6.73
CA PRO D 85 9.78 18.01 -7.98
C PRO D 85 9.13 18.79 -9.11
N ALA D 86 9.74 18.73 -10.30
CA ALA D 86 9.30 19.56 -11.40
C ALA D 86 7.85 19.31 -11.77
N SER D 87 7.35 18.08 -11.58
CA SER D 87 5.97 17.77 -11.91
C SER D 87 4.99 18.60 -11.08
N GLU D 88 5.34 18.93 -9.83
CA GLU D 88 4.44 19.67 -8.97
C GLU D 88 4.36 21.14 -9.33
N LEU D 89 5.37 21.68 -10.01
CA LEU D 89 5.38 23.08 -10.38
C LEU D 89 4.27 23.45 -11.36
N VAL D 90 3.73 22.48 -12.09
CA VAL D 90 2.69 22.76 -13.07
C VAL D 90 1.45 21.90 -12.82
N SER D 91 1.15 21.60 -11.56
CA SER D 91 -0.02 20.80 -11.23
C SER D 91 -0.66 21.36 -9.96
N VAL D 92 -1.69 20.66 -9.47
CA VAL D 92 -2.40 21.07 -8.27
C VAL D 92 -1.60 20.65 -7.05
N THR D 93 -1.45 21.58 -6.10
CA THR D 93 -0.78 21.31 -4.84
C THR D 93 -1.62 21.86 -3.69
N VAL D 94 -1.07 21.86 -2.48
CA VAL D 94 -1.80 22.23 -1.27
C VAL D 94 -0.93 23.13 -0.41
N ILE D 95 -1.55 24.11 0.26
CA ILE D 95 -0.91 24.84 1.35
C ILE D 95 -1.74 24.67 2.61
N LEU D 96 -1.05 24.55 3.75
CA LEU D 96 -1.69 24.46 5.06
C LEU D 96 -1.31 25.70 5.85
N LEU D 97 -2.31 26.49 6.24
CA LEU D 97 -2.13 27.60 7.17
C LEU D 97 -2.59 27.10 8.54
N SER D 98 -1.66 26.95 9.46
CA SER D 98 -1.98 26.44 10.78
C SER D 98 -1.58 27.45 11.84
N CYS D 99 -2.08 27.22 13.05
CA CYS D 99 -1.67 28.02 14.20
C CYS D 99 -1.48 27.12 15.39
N SER D 100 -0.47 27.43 16.20
CA SER D 100 -0.19 26.72 17.44
C SER D 100 -0.11 27.71 18.58
N TYR D 101 -0.40 27.23 19.77
CA TYR D 101 -0.24 28.01 21.00
C TYR D 101 0.60 27.18 21.97
N ASP D 102 1.76 27.73 22.35
CA ASP D 102 2.66 27.08 23.29
C ASP D 102 3.11 25.71 22.77
N GLY D 103 3.27 25.58 21.46
CA GLY D 103 3.73 24.36 20.84
C GLY D 103 2.65 23.36 20.50
N ARG D 104 1.38 23.69 20.70
CA ARG D 104 0.27 22.78 20.47
C ARG D 104 -0.60 23.32 19.34
N GLU D 105 -0.63 22.60 18.22
CA GLU D 105 -1.45 22.99 17.09
C GLU D 105 -2.93 22.83 17.41
N PHE D 106 -3.72 23.89 17.19
CA PHE D 106 -5.14 23.84 17.48
C PHE D 106 -6.04 24.10 16.28
N VAL D 107 -5.49 24.57 15.17
CA VAL D 107 -6.27 24.78 13.95
C VAL D 107 -5.34 24.61 12.75
N ARG D 108 -5.88 24.06 11.67
CA ARG D 108 -5.16 23.90 10.42
C ARG D 108 -6.13 24.12 9.27
N VAL D 109 -5.77 25.00 8.33
CA VAL D 109 -6.64 25.39 7.24
C VAL D 109 -5.95 25.06 5.92
N GLY D 110 -6.49 24.07 5.21
CA GLY D 110 -5.93 23.64 3.93
C GLY D 110 -6.58 24.33 2.75
N TYR D 111 -5.77 24.54 1.70
CA TYR D 111 -6.23 25.16 0.46
C TYR D 111 -5.68 24.40 -0.74
N TYR D 112 -6.54 24.24 -1.75
CA TYR D 112 -6.07 23.84 -3.06
C TYR D 112 -5.36 25.00 -3.74
N VAL D 113 -4.30 24.69 -4.49
CA VAL D 113 -3.55 25.68 -5.25
C VAL D 113 -3.29 25.10 -6.64
N ASN D 114 -3.70 25.82 -7.68
CA ASN D 114 -3.41 25.41 -9.04
C ASN D 114 -2.19 26.17 -9.56
N ASN D 115 -1.32 25.48 -10.28
CA ASN D 115 -0.12 26.09 -10.85
C ASN D 115 -0.09 25.80 -12.35
N GLU D 116 0.00 26.86 -13.16
CA GLU D 116 0.09 26.69 -14.60
C GLU D 116 0.86 27.87 -15.19
N TYR D 117 1.26 27.71 -16.45
CA TYR D 117 2.02 28.75 -17.13
C TYR D 117 1.15 29.97 -17.42
N ASP D 118 1.81 31.12 -17.52
CA ASP D 118 1.12 32.39 -17.72
C ASP D 118 0.97 32.78 -19.17
N GLU D 119 1.33 31.89 -20.11
CA GLU D 119 1.17 32.13 -21.53
C GLU D 119 0.60 30.88 -22.18
N GLU D 120 -0.37 31.07 -23.08
CA GLU D 120 -1.01 29.92 -23.71
C GLU D 120 0.00 29.08 -24.47
N GLU D 121 0.99 29.71 -25.10
CA GLU D 121 2.00 28.96 -25.85
C GLU D 121 2.78 28.03 -24.92
N LEU D 122 3.08 28.50 -23.70
CA LEU D 122 3.78 27.64 -22.74
C LEU D 122 2.85 26.57 -22.17
N ARG D 123 1.55 26.89 -21.99
CA ARG D 123 0.62 25.89 -21.48
C ARG D 123 0.42 24.76 -22.49
N GLU D 124 0.33 25.10 -23.78
CA GLU D 124 0.10 24.09 -24.81
C GLU D 124 1.36 23.31 -25.12
N ASN D 125 2.54 23.94 -25.01
CA ASN D 125 3.82 23.31 -25.33
C ASN D 125 4.80 23.61 -24.21
N PRO D 126 4.67 22.94 -23.07
CA PRO D 126 5.58 23.20 -21.94
C PRO D 126 7.00 22.80 -22.27
N PRO D 127 7.99 23.63 -21.94
CA PRO D 127 9.38 23.29 -22.24
C PRO D 127 9.88 22.18 -21.32
N ALA D 128 11.00 21.58 -21.72
CA ALA D 128 11.56 20.44 -20.99
C ALA D 128 11.97 20.85 -19.57
N LYS D 129 12.56 22.03 -19.43
CA LYS D 129 12.91 22.58 -18.13
C LYS D 129 11.85 23.58 -17.72
N VAL D 130 11.27 23.38 -16.53
CA VAL D 130 10.22 24.28 -16.05
C VAL D 130 10.79 25.68 -15.88
N GLN D 131 10.07 26.67 -16.40
CA GLN D 131 10.46 28.09 -16.29
C GLN D 131 9.63 28.73 -15.19
N VAL D 132 10.16 28.71 -13.97
CA VAL D 132 9.42 29.11 -12.78
C VAL D 132 8.92 30.55 -12.88
N ASP D 133 9.68 31.44 -13.52
CA ASP D 133 9.26 32.82 -13.65
C ASP D 133 8.00 32.99 -14.51
N HIS D 134 7.54 31.92 -15.17
CA HIS D 134 6.30 31.96 -15.94
C HIS D 134 5.17 31.20 -15.26
N ILE D 135 5.37 30.71 -14.03
CA ILE D 135 4.34 29.95 -13.32
C ILE D 135 3.46 30.91 -12.53
N VAL D 136 2.15 30.76 -12.66
CA VAL D 136 1.17 31.54 -11.90
C VAL D 136 0.38 30.57 -11.03
N ARG D 137 0.29 30.88 -9.75
CA ARG D 137 -0.50 30.08 -8.82
C ARG D 137 -1.88 30.69 -8.65
N ASN D 138 -2.85 29.82 -8.39
CA ASN D 138 -4.24 30.21 -8.15
C ASN D 138 -4.72 29.45 -6.92
N ILE D 139 -4.82 30.15 -5.80
CA ILE D 139 -5.30 29.53 -4.57
C ILE D 139 -6.83 29.51 -4.59
N LEU D 140 -7.41 28.36 -4.29
CA LEU D 140 -8.86 28.23 -4.18
C LEU D 140 -9.28 28.76 -2.80
N ALA D 141 -9.21 30.08 -2.67
CA ALA D 141 -9.27 30.74 -1.36
C ALA D 141 -10.64 30.68 -0.71
N GLU D 142 -11.72 30.55 -1.49
CA GLU D 142 -13.05 30.60 -0.91
C GLU D 142 -13.50 29.28 -0.31
N LYS D 143 -12.73 28.20 -0.45
CA LYS D 143 -13.16 26.87 0.01
C LYS D 143 -12.08 26.25 0.88
N PRO D 144 -11.86 26.79 2.08
CA PRO D 144 -10.85 26.22 2.98
C PRO D 144 -11.30 24.90 3.58
N ARG D 145 -10.31 24.01 3.78
CA ARG D 145 -10.54 22.73 4.43
C ARG D 145 -10.00 22.86 5.85
N VAL D 146 -10.91 23.01 6.80
CA VAL D 146 -10.57 23.36 8.18
C VAL D 146 -10.50 22.09 9.04
N THR D 147 -9.46 22.01 9.85
CA THR D 147 -9.32 21.00 10.88
C THR D 147 -9.03 21.71 12.20
N ARG D 148 -9.77 21.36 13.25
CA ARG D 148 -9.58 21.97 14.55
C ARG D 148 -9.18 20.90 15.55
N PHE D 149 -8.25 21.24 16.44
CA PHE D 149 -7.75 20.32 17.45
C PHE D 149 -8.05 20.87 18.85
N ASN D 150 -8.39 19.96 19.76
CA ASN D 150 -8.62 20.32 21.15
C ASN D 150 -7.30 20.27 21.90
N ILE D 151 -6.93 21.38 22.53
CA ILE D 151 -5.68 21.48 23.28
C ILE D 151 -5.96 22.15 24.62
N VAL D 152 -4.99 22.06 25.52
CA VAL D 152 -5.02 22.79 26.78
C VAL D 152 -4.53 24.22 26.53
N TRP D 153 -5.19 25.18 27.16
CA TRP D 153 -4.84 26.59 26.99
C TRP D 153 -4.21 27.19 28.24
N GLU E 4 -18.86 14.61 22.39
CA GLU E 4 -20.23 15.09 22.53
C GLU E 4 -20.65 15.91 21.31
N VAL E 5 -19.97 15.68 20.20
CA VAL E 5 -20.35 16.29 18.93
C VAL E 5 -21.50 15.48 18.33
N GLN E 6 -22.53 16.18 17.84
CA GLN E 6 -23.67 15.47 17.26
C GLN E 6 -24.31 16.32 16.16
N LEU E 7 -24.81 15.64 15.14
CA LEU E 7 -25.61 16.25 14.08
C LEU E 7 -26.91 15.47 13.94
N VAL E 8 -28.02 16.20 13.86
CA VAL E 8 -29.35 15.58 13.78
C VAL E 8 -30.10 16.15 12.59
N GLU E 9 -30.35 15.30 11.59
CA GLU E 9 -31.16 15.70 10.44
C GLU E 9 -32.64 15.59 10.78
N SER E 10 -33.43 16.51 10.22
CA SER E 10 -34.88 16.43 10.31
C SER E 10 -35.48 17.10 9.07
N GLY E 11 -36.79 16.91 8.90
CA GLY E 11 -37.52 17.51 7.80
C GLY E 11 -37.81 16.59 6.63
N GLY E 12 -37.29 15.38 6.63
CA GLY E 12 -37.57 14.46 5.54
C GLY E 12 -39.01 13.99 5.55
N GLY E 13 -39.44 13.45 4.40
CA GLY E 13 -40.81 12.96 4.25
C GLY E 13 -41.13 12.76 2.78
N LEU E 14 -42.42 12.64 2.50
CA LEU E 14 -42.90 12.43 1.14
C LEU E 14 -43.16 13.76 0.46
N VAL E 15 -42.82 13.83 -0.84
CA VAL E 15 -43.02 15.03 -1.65
C VAL E 15 -43.47 14.59 -3.04
N GLN E 16 -44.36 15.38 -3.63
CA GLN E 16 -44.75 15.14 -5.01
C GLN E 16 -43.64 15.58 -5.96
N PRO E 17 -43.52 14.93 -7.13
CA PRO E 17 -42.57 15.38 -8.15
C PRO E 17 -42.76 16.87 -8.45
N GLY E 18 -41.64 17.59 -8.52
CA GLY E 18 -41.67 19.02 -8.74
C GLY E 18 -41.89 19.84 -7.49
N GLY E 19 -42.16 19.20 -6.35
CA GLY E 19 -42.36 19.90 -5.11
C GLY E 19 -41.07 20.26 -4.40
N SER E 20 -41.22 20.83 -3.21
CA SER E 20 -40.12 21.38 -2.44
C SER E 20 -40.11 20.76 -1.05
N LEU E 21 -38.92 20.73 -0.46
CA LEU E 21 -38.74 20.21 0.88
C LEU E 21 -37.48 20.81 1.45
N ARG E 22 -37.53 21.21 2.71
CA ARG E 22 -36.42 21.84 3.40
C ARG E 22 -35.96 20.95 4.53
N LEU E 23 -34.71 20.48 4.45
CA LEU E 23 -34.13 19.67 5.51
C LEU E 23 -33.35 20.55 6.47
N SER E 24 -33.26 20.10 7.72
CA SER E 24 -32.50 20.79 8.75
C SER E 24 -31.48 19.84 9.35
N CYS E 25 -30.38 20.42 9.84
CA CYS E 25 -29.27 19.68 10.43
C CYS E 25 -28.89 20.41 11.71
N ALA E 26 -29.41 19.96 12.85
CA ALA E 26 -29.16 20.62 14.12
C ALA E 26 -27.83 20.14 14.69
N ALA E 27 -26.92 21.08 14.94
CA ALA E 27 -25.59 20.77 15.44
C ALA E 27 -25.53 20.99 16.95
N SER E 28 -24.82 20.10 17.64
CA SER E 28 -24.56 20.26 19.07
C SER E 28 -23.14 19.83 19.38
N GLY E 29 -22.50 20.54 20.31
CA GLY E 29 -21.13 20.29 20.66
C GLY E 29 -20.11 21.03 19.82
N PHE E 30 -20.54 21.83 18.86
CA PHE E 30 -19.63 22.63 18.04
C PHE E 30 -20.43 23.73 17.36
N ASN E 31 -19.72 24.78 16.97
CA ASN E 31 -20.30 25.90 16.23
C ASN E 31 -20.36 25.51 14.74
N VAL E 32 -21.56 25.58 14.16
CA VAL E 32 -21.75 25.16 12.78
C VAL E 32 -21.03 26.05 11.78
N SER E 33 -20.55 27.21 12.20
CA SER E 33 -19.89 28.17 11.30
C SER E 33 -18.37 28.04 11.29
N TYR E 34 -17.79 27.24 12.18
CA TYR E 34 -16.35 27.05 12.22
C TYR E 34 -15.88 25.88 11.37
N TYR E 35 -16.80 25.17 10.72
CA TYR E 35 -16.47 23.99 9.94
C TYR E 35 -17.18 24.05 8.61
N SER E 36 -16.70 23.26 7.65
CA SER E 36 -17.50 23.00 6.48
C SER E 36 -18.60 22.00 6.84
N ILE E 37 -19.80 22.23 6.28
CA ILE E 37 -20.94 21.34 6.47
C ILE E 37 -21.35 20.80 5.10
N HIS E 38 -21.78 19.54 5.07
CA HIS E 38 -22.06 18.86 3.81
C HIS E 38 -23.33 18.04 3.92
N TRP E 39 -23.99 17.87 2.78
CA TRP E 39 -25.11 16.93 2.63
C TRP E 39 -24.69 15.83 1.66
N VAL E 40 -24.84 14.58 2.10
CA VAL E 40 -24.53 13.39 1.30
C VAL E 40 -25.74 12.47 1.40
N ARG E 41 -26.22 11.99 0.26
CA ARG E 41 -27.42 11.18 0.24
C ARG E 41 -27.10 9.77 -0.26
N GLN E 42 -28.03 8.86 0.02
CA GLN E 42 -27.84 7.46 -0.37
C GLN E 42 -29.19 6.89 -0.75
N ALA E 43 -29.35 6.58 -2.03
CA ALA E 43 -30.58 5.95 -2.49
C ALA E 43 -30.64 4.52 -1.95
N PRO E 44 -31.85 3.96 -1.80
CA PRO E 44 -31.98 2.62 -1.22
C PRO E 44 -31.18 1.59 -2.01
N GLY E 45 -30.29 0.90 -1.31
CA GLY E 45 -29.41 -0.08 -1.91
C GLY E 45 -28.26 0.47 -2.74
N LYS E 46 -28.04 1.79 -2.76
CA LYS E 46 -27.01 2.39 -3.60
C LYS E 46 -25.86 2.94 -2.75
N GLY E 47 -24.87 3.52 -3.43
CA GLY E 47 -23.72 4.11 -2.76
C GLY E 47 -23.94 5.55 -2.36
N LEU E 48 -22.90 6.14 -1.77
CA LEU E 48 -22.96 7.51 -1.31
C LEU E 48 -22.85 8.49 -2.47
N GLU E 49 -23.65 9.56 -2.42
CA GLU E 49 -23.61 10.62 -3.42
C GLU E 49 -23.64 11.96 -2.70
N TRP E 50 -22.55 12.71 -2.80
CA TRP E 50 -22.52 14.06 -2.24
C TRP E 50 -23.40 14.99 -3.08
N VAL E 51 -24.09 15.92 -2.40
CA VAL E 51 -24.97 16.86 -3.09
C VAL E 51 -24.59 18.31 -2.86
N ALA E 52 -24.10 18.67 -1.66
CA ALA E 52 -23.88 20.08 -1.37
C ALA E 52 -22.90 20.27 -0.22
N SER E 53 -22.18 21.39 -0.26
CA SER E 53 -21.23 21.76 0.79
C SER E 53 -21.26 23.27 1.00
N ILE E 54 -21.04 23.69 2.23
CA ILE E 54 -20.87 25.10 2.55
C ILE E 54 -19.61 25.25 3.40
N TYR E 55 -18.83 26.27 3.09
CA TYR E 55 -17.53 26.41 3.71
C TYR E 55 -17.50 27.57 4.71
N PRO E 56 -16.69 27.48 5.75
CA PRO E 56 -16.70 28.50 6.80
C PRO E 56 -16.13 29.83 6.31
N TYR E 57 -16.25 30.83 7.19
CA TYR E 57 -15.72 32.19 7.03
C TYR E 57 -16.57 33.00 6.05
N TYR E 58 -16.78 32.50 4.84
CA TYR E 58 -17.47 33.28 3.81
C TYR E 58 -18.72 32.61 3.26
N GLY E 59 -19.09 31.43 3.76
CA GLY E 59 -20.31 30.79 3.28
C GLY E 59 -20.30 30.40 1.83
N SER E 60 -19.13 30.15 1.25
CA SER E 60 -19.06 29.67 -0.13
C SER E 60 -19.66 28.27 -0.23
N THR E 61 -20.36 28.02 -1.33
CA THR E 61 -21.09 26.77 -1.50
C THR E 61 -20.62 26.01 -2.74
N SER E 62 -20.80 24.70 -2.70
CA SER E 62 -20.50 23.80 -3.81
C SER E 62 -21.65 22.82 -3.95
N TYR E 63 -21.94 22.42 -5.19
CA TYR E 63 -23.06 21.54 -5.47
C TYR E 63 -22.69 20.53 -6.52
N ALA E 64 -23.28 19.34 -6.43
CA ALA E 64 -23.18 18.37 -7.51
C ALA E 64 -23.99 18.88 -8.70
N ASP E 65 -23.53 18.52 -9.91
CA ASP E 65 -24.18 18.98 -11.12
C ASP E 65 -25.66 18.62 -11.16
N SER E 66 -26.03 17.46 -10.63
CA SER E 66 -27.40 16.99 -10.70
C SER E 66 -28.38 17.79 -9.84
N VAL E 67 -27.88 18.60 -8.90
CA VAL E 67 -28.74 19.39 -8.04
C VAL E 67 -28.50 20.89 -8.18
N LYS E 68 -27.51 21.29 -8.99
CA LYS E 68 -27.16 22.70 -9.15
C LYS E 68 -28.36 23.53 -9.61
N GLY E 69 -28.65 24.60 -8.88
CA GLY E 69 -29.79 25.45 -9.17
C GLY E 69 -31.10 25.00 -8.53
N ARG E 70 -31.21 23.74 -8.14
CA ARG E 70 -32.40 23.24 -7.44
C ARG E 70 -32.23 23.20 -5.93
N PHE E 71 -31.02 22.94 -5.47
CA PHE E 71 -30.74 22.79 -4.04
C PHE E 71 -29.94 23.98 -3.56
N THR E 72 -30.20 24.42 -2.34
CA THR E 72 -29.44 25.49 -1.71
C THR E 72 -29.07 25.07 -0.30
N ILE E 73 -27.78 25.05 -0.02
CA ILE E 73 -27.27 24.75 1.32
C ILE E 73 -27.00 26.07 2.02
N SER E 74 -27.32 26.12 3.31
CA SER E 74 -27.09 27.31 4.13
C SER E 74 -26.90 26.89 5.57
N ALA E 75 -26.45 27.86 6.38
CA ALA E 75 -26.20 27.63 7.80
C ALA E 75 -26.56 28.89 8.57
N ASP E 76 -27.27 28.72 9.69
CA ASP E 76 -27.64 29.82 10.56
C ASP E 76 -26.84 29.67 11.85
N THR E 77 -25.94 30.61 12.10
CA THR E 77 -25.09 30.52 13.27
C THR E 77 -25.89 30.64 14.56
N SER E 78 -26.89 31.52 14.58
CA SER E 78 -27.66 31.75 15.81
C SER E 78 -28.43 30.50 16.20
N LYS E 79 -29.05 29.82 15.25
CA LYS E 79 -29.74 28.57 15.54
C LYS E 79 -28.79 27.37 15.53
N ASN E 80 -27.54 27.58 15.14
CA ASN E 80 -26.53 26.52 15.06
C ASN E 80 -27.06 25.32 14.26
N THR E 81 -27.63 25.63 13.10
CA THR E 81 -28.31 24.64 12.28
C THR E 81 -28.01 24.90 10.81
N ALA E 82 -27.76 23.83 10.07
CA ALA E 82 -27.59 23.89 8.62
C ALA E 82 -28.85 23.42 7.92
N TYR E 83 -29.03 23.83 6.68
CA TYR E 83 -30.26 23.57 5.94
C TYR E 83 -29.96 23.12 4.52
N LEU E 84 -30.86 22.31 3.98
CA LEU E 84 -30.86 21.96 2.57
C LEU E 84 -32.23 22.27 2.01
N GLN E 85 -32.35 23.38 1.28
CA GLN E 85 -33.58 23.70 0.59
C GLN E 85 -33.57 22.96 -0.75
N MET E 86 -34.54 22.08 -0.96
CA MET E 86 -34.61 21.27 -2.17
C MET E 86 -35.86 21.66 -2.94
N ASN E 87 -35.66 22.19 -4.15
CA ASN E 87 -36.76 22.54 -5.04
C ASN E 87 -36.74 21.64 -6.27
N SER E 88 -37.88 21.61 -6.96
CA SER E 88 -38.06 20.85 -8.20
C SER E 88 -37.59 19.41 -8.03
N LEU E 89 -38.08 18.77 -6.97
CA LEU E 89 -37.66 17.41 -6.65
C LEU E 89 -38.14 16.43 -7.72
N ARG E 90 -37.35 15.39 -7.93
CA ARG E 90 -37.66 14.34 -8.89
C ARG E 90 -37.52 12.99 -8.19
N ALA E 91 -38.03 11.95 -8.85
CA ALA E 91 -38.00 10.62 -8.25
C ALA E 91 -36.59 10.17 -7.93
N GLU E 92 -35.60 10.58 -8.75
CA GLU E 92 -34.21 10.20 -8.50
C GLU E 92 -33.64 10.86 -7.24
N ASP E 93 -34.32 11.83 -6.65
CA ASP E 93 -33.86 12.44 -5.41
C ASP E 93 -34.25 11.63 -4.17
N THR E 94 -35.04 10.58 -4.34
CA THR E 94 -35.41 9.71 -3.21
C THR E 94 -34.16 9.07 -2.62
N ALA E 95 -33.94 9.29 -1.32
CA ALA E 95 -32.72 8.83 -0.66
C ALA E 95 -32.78 9.18 0.82
N VAL E 96 -31.93 8.51 1.59
CA VAL E 96 -31.60 8.98 2.93
C VAL E 96 -30.60 10.11 2.79
N TYR E 97 -30.88 11.25 3.44
CA TYR E 97 -30.05 12.44 3.37
C TYR E 97 -29.30 12.58 4.69
N TYR E 98 -27.97 12.60 4.61
CA TYR E 98 -27.10 12.82 5.76
C TYR E 98 -26.51 14.22 5.68
N CYS E 99 -26.36 14.85 6.85
CA CYS E 99 -25.46 15.97 6.95
C CYS E 99 -24.21 15.53 7.70
N ALA E 100 -23.08 16.13 7.34
CA ALA E 100 -21.80 15.69 7.87
C ALA E 100 -20.89 16.90 8.03
N ARG E 101 -19.99 16.82 9.00
CA ARG E 101 -19.11 17.92 9.34
C ARG E 101 -17.75 17.71 8.70
N GLY E 102 -17.23 18.77 8.09
CA GLY E 102 -15.92 18.71 7.47
C GLY E 102 -14.82 18.48 8.48
N TYR E 103 -13.90 17.58 8.13
CA TYR E 103 -12.67 17.31 8.89
C TYR E 103 -11.54 17.39 7.89
N GLY E 104 -11.05 18.60 7.65
CA GLY E 104 -10.10 18.80 6.56
C GLY E 104 -10.79 18.51 5.24
N TRP E 105 -10.19 17.63 4.44
CA TRP E 105 -10.84 17.14 3.23
C TRP E 105 -11.81 15.99 3.48
N ALA E 106 -11.98 15.57 4.72
CA ALA E 106 -12.81 14.41 5.03
C ALA E 106 -14.05 14.82 5.84
N LEU E 107 -14.80 13.82 6.30
CA LEU E 107 -16.04 14.02 7.03
C LEU E 107 -16.00 13.16 8.28
N ASP E 108 -15.87 13.79 9.45
CA ASP E 108 -15.67 13.03 10.68
C ASP E 108 -16.95 12.74 11.45
N TYR E 109 -17.92 13.65 11.47
CA TYR E 109 -19.16 13.43 12.20
C TYR E 109 -20.35 13.47 11.24
N TRP E 110 -21.18 12.43 11.32
CA TRP E 110 -22.35 12.27 10.48
C TRP E 110 -23.59 12.14 11.35
N GLY E 111 -24.70 12.69 10.90
CA GLY E 111 -25.98 12.36 11.46
C GLY E 111 -26.42 10.98 11.01
N GLN E 112 -27.56 10.55 11.52
CA GLN E 112 -28.10 9.24 11.16
C GLN E 112 -29.01 9.30 9.93
N GLY E 113 -29.29 10.47 9.41
CA GLY E 113 -29.98 10.57 8.12
C GLY E 113 -31.47 10.77 8.27
N THR E 114 -32.05 11.43 7.27
CA THR E 114 -33.50 11.57 7.15
C THR E 114 -33.93 11.13 5.75
N LEU E 115 -35.01 10.35 5.70
CA LEU E 115 -35.48 9.77 4.46
C LEU E 115 -36.38 10.74 3.70
N VAL E 116 -36.05 10.97 2.43
CA VAL E 116 -36.86 11.78 1.52
C VAL E 116 -37.33 10.89 0.39
N THR E 117 -38.64 10.80 0.20
CA THR E 117 -39.24 10.00 -0.85
C THR E 117 -39.99 10.93 -1.80
N VAL E 118 -39.64 10.91 -3.08
CA VAL E 118 -40.29 11.74 -4.08
C VAL E 118 -41.12 10.82 -4.97
N SER E 119 -42.45 11.00 -4.92
CA SER E 119 -43.35 10.11 -5.64
C SER E 119 -44.72 10.78 -5.74
N SER E 120 -45.46 10.39 -6.76
CA SER E 120 -46.85 10.80 -6.88
C SER E 120 -47.78 9.97 -6.01
N ALA E 121 -47.28 8.93 -5.36
CA ALA E 121 -48.10 8.11 -4.48
C ALA E 121 -48.43 8.86 -3.19
N SER E 122 -49.58 8.51 -2.61
CA SER E 122 -50.04 9.05 -1.35
C SER E 122 -49.75 8.09 -0.21
N THR E 123 -49.68 8.63 1.01
CA THR E 123 -49.45 7.81 2.19
C THR E 123 -50.52 6.73 2.28
N LYS E 124 -50.08 5.49 2.48
CA LYS E 124 -51.01 4.37 2.55
C LYS E 124 -50.44 3.32 3.47
N GLY E 125 -51.25 2.86 4.42
CA GLY E 125 -50.86 1.78 5.29
C GLY E 125 -50.90 0.45 4.57
N PRO E 126 -50.19 -0.53 5.12
CA PRO E 126 -50.15 -1.86 4.48
C PRO E 126 -51.38 -2.69 4.81
N SER E 127 -51.62 -3.66 3.95
CA SER E 127 -52.46 -4.80 4.28
C SER E 127 -51.54 -5.97 4.66
N VAL E 128 -51.87 -6.65 5.75
CA VAL E 128 -51.01 -7.70 6.29
C VAL E 128 -51.71 -9.03 6.09
N PHE E 129 -50.99 -9.98 5.50
CA PHE E 129 -51.53 -11.31 5.20
C PHE E 129 -50.61 -12.37 5.77
N PRO E 130 -51.16 -13.45 6.32
CA PRO E 130 -50.31 -14.49 6.88
C PRO E 130 -49.68 -15.36 5.81
N LEU E 131 -48.51 -15.89 6.15
CA LEU E 131 -47.84 -16.95 5.39
C LEU E 131 -47.87 -18.16 6.32
N ALA E 132 -48.92 -18.96 6.20
CA ALA E 132 -49.17 -20.00 7.16
C ALA E 132 -48.16 -21.13 7.00
N PRO E 133 -47.68 -21.71 8.11
CA PRO E 133 -46.87 -22.91 8.03
C PRO E 133 -47.67 -24.08 7.49
N SER E 134 -47.01 -24.95 6.72
CA SER E 134 -47.69 -26.09 6.11
C SER E 134 -46.64 -27.16 5.81
N SER E 135 -47.09 -28.24 5.17
CA SER E 135 -46.16 -29.30 4.76
C SER E 135 -45.23 -28.86 3.65
N LYS E 136 -45.48 -27.68 3.05
CA LYS E 136 -44.61 -27.12 2.04
C LYS E 136 -43.61 -26.11 2.59
N SER E 137 -43.56 -25.93 3.92
CA SER E 137 -42.63 -24.99 4.53
C SER E 137 -41.79 -25.64 5.64
N THR E 138 -41.63 -26.96 5.59
CA THR E 138 -40.97 -27.73 6.64
C THR E 138 -39.68 -28.37 6.14
N SER E 139 -38.72 -28.49 7.05
CA SER E 139 -37.45 -29.13 6.76
C SER E 139 -36.78 -29.48 8.09
N GLY E 140 -36.41 -30.75 8.25
CA GLY E 140 -35.67 -31.18 9.43
C GLY E 140 -36.35 -30.87 10.74
N GLY E 141 -37.66 -31.08 10.82
CA GLY E 141 -38.40 -30.78 12.02
C GLY E 141 -38.61 -29.30 12.32
N THR E 142 -38.28 -28.41 11.39
CA THR E 142 -38.58 -27.00 11.57
C THR E 142 -39.63 -26.57 10.55
N ALA E 143 -40.33 -25.49 10.87
CA ALA E 143 -41.39 -24.96 10.03
C ALA E 143 -41.19 -23.47 9.87
N ALA E 144 -41.31 -23.00 8.63
CA ALA E 144 -41.24 -21.58 8.32
C ALA E 144 -42.66 -21.01 8.23
N LEU E 145 -42.83 -19.79 8.72
CA LEU E 145 -44.07 -19.05 8.63
C LEU E 145 -43.72 -17.58 8.56
N GLY E 146 -44.71 -16.75 8.24
CA GLY E 146 -44.41 -15.34 8.13
C GLY E 146 -45.64 -14.49 7.91
N CYS E 147 -45.37 -13.24 7.57
CA CYS E 147 -46.38 -12.24 7.26
C CYS E 147 -45.98 -11.49 6.00
N LEU E 148 -46.95 -11.30 5.11
CA LEU E 148 -46.78 -10.49 3.91
C LEU E 148 -47.31 -9.09 4.20
N VAL E 149 -46.46 -8.09 4.06
CA VAL E 149 -46.77 -6.71 4.38
C VAL E 149 -46.85 -5.95 3.07
N LYS E 150 -48.06 -5.78 2.54
CA LYS E 150 -48.24 -5.42 1.15
C LYS E 150 -48.87 -4.04 1.00
N ASP E 151 -48.41 -3.32 -0.02
CA ASP E 151 -49.06 -2.12 -0.54
C ASP E 151 -49.08 -0.99 0.50
N TYR E 152 -47.89 -0.50 0.81
CA TYR E 152 -47.76 0.61 1.72
C TYR E 152 -46.85 1.67 1.13
N PHE E 153 -47.00 2.90 1.64
CA PHE E 153 -46.21 4.04 1.19
C PHE E 153 -46.27 5.19 2.21
N PRO E 154 -45.12 5.81 2.50
CA PRO E 154 -43.79 5.43 2.03
C PRO E 154 -43.10 4.46 2.99
N GLU E 155 -41.82 4.21 2.76
CA GLU E 155 -40.97 3.56 3.75
C GLU E 155 -40.89 4.46 4.98
N PRO E 156 -40.58 3.90 6.16
CA PRO E 156 -40.34 2.48 6.41
C PRO E 156 -41.49 1.81 7.16
N VAL E 157 -41.42 0.49 7.26
CA VAL E 157 -42.30 -0.29 8.11
C VAL E 157 -41.41 -1.17 8.98
N THR E 158 -41.89 -1.47 10.18
CA THR E 158 -41.17 -2.36 11.10
C THR E 158 -42.01 -3.60 11.37
N VAL E 159 -41.33 -4.75 11.50
CA VAL E 159 -41.97 -6.02 11.81
C VAL E 159 -41.23 -6.64 12.99
N SER E 160 -41.98 -6.99 14.04
CA SER E 160 -41.47 -7.82 15.11
C SER E 160 -42.36 -9.05 15.22
N TRP E 161 -41.91 -10.03 16.02
CA TRP E 161 -42.65 -11.26 16.25
C TRP E 161 -42.85 -11.46 17.75
N ASN E 162 -44.09 -11.75 18.14
CA ASN E 162 -44.46 -11.93 19.54
C ASN E 162 -43.96 -10.76 20.39
N SER E 163 -44.17 -9.54 19.86
CA SER E 163 -43.84 -8.30 20.56
C SER E 163 -42.35 -8.26 20.95
N GLY E 164 -41.49 -8.72 20.04
CA GLY E 164 -40.06 -8.70 20.27
C GLY E 164 -39.50 -9.89 21.02
N ALA E 165 -40.36 -10.75 21.58
CA ALA E 165 -39.88 -11.93 22.28
C ALA E 165 -39.18 -12.91 21.35
N LEU E 166 -39.64 -13.01 20.11
CA LEU E 166 -39.11 -13.97 19.15
C LEU E 166 -38.21 -13.23 18.16
N THR E 167 -36.92 -13.51 18.21
CA THR E 167 -35.96 -12.95 17.26
C THR E 167 -35.09 -14.00 16.57
N SER E 168 -34.96 -15.20 17.13
CA SER E 168 -34.12 -16.22 16.52
C SER E 168 -34.77 -16.77 15.26
N GLY E 169 -33.99 -16.85 14.18
CA GLY E 169 -34.50 -17.40 12.93
C GLY E 169 -35.43 -16.50 12.18
N VAL E 170 -35.45 -15.20 12.48
CA VAL E 170 -36.31 -14.24 11.79
C VAL E 170 -35.56 -13.66 10.61
N HIS E 171 -36.22 -13.58 9.46
CA HIS E 171 -35.68 -12.92 8.27
C HIS E 171 -36.72 -11.92 7.77
N THR E 172 -36.44 -10.63 7.93
CA THR E 172 -37.31 -9.57 7.43
C THR E 172 -36.64 -8.97 6.20
N PHE E 173 -37.24 -9.22 5.04
CA PHE E 173 -36.60 -8.88 3.77
C PHE E 173 -36.71 -7.39 3.47
N PRO E 174 -35.75 -6.85 2.71
CA PRO E 174 -35.88 -5.45 2.27
C PRO E 174 -37.12 -5.26 1.44
N ALA E 175 -37.72 -4.08 1.57
CA ALA E 175 -38.91 -3.76 0.80
C ALA E 175 -38.60 -3.68 -0.68
N VAL E 176 -39.58 -4.00 -1.50
CA VAL E 176 -39.48 -3.86 -2.94
C VAL E 176 -40.51 -2.82 -3.38
N LEU E 177 -40.12 -1.96 -4.32
CA LEU E 177 -41.01 -0.96 -4.89
C LEU E 177 -41.74 -1.59 -6.07
N GLN E 178 -43.05 -1.77 -5.92
CA GLN E 178 -43.86 -2.44 -6.95
C GLN E 178 -44.19 -1.48 -8.08
N SER E 179 -44.74 -2.05 -9.17
CA SER E 179 -45.13 -1.25 -10.32
C SER E 179 -46.15 -0.18 -9.95
N SER E 180 -46.98 -0.45 -8.94
CA SER E 180 -48.03 0.47 -8.51
C SER E 180 -47.49 1.69 -7.79
N GLY E 181 -46.20 1.73 -7.48
CA GLY E 181 -45.66 2.77 -6.63
C GLY E 181 -45.77 2.51 -5.14
N LEU E 182 -46.31 1.36 -4.74
CA LEU E 182 -46.42 0.98 -3.34
C LEU E 182 -45.34 -0.03 -3.00
N TYR E 183 -44.95 -0.05 -1.73
CA TYR E 183 -43.94 -0.99 -1.28
C TYR E 183 -44.60 -2.28 -0.77
N SER E 184 -43.78 -3.33 -0.71
CA SER E 184 -44.20 -4.61 -0.18
C SER E 184 -42.97 -5.34 0.34
N LEU E 185 -43.11 -6.00 1.49
CA LEU E 185 -42.05 -6.86 1.99
C LEU E 185 -42.68 -8.06 2.68
N SER E 186 -41.83 -9.07 2.93
CA SER E 186 -42.19 -10.24 3.71
C SER E 186 -41.23 -10.38 4.88
N SER E 187 -41.75 -10.88 6.00
CA SER E 187 -40.96 -11.24 7.17
C SER E 187 -41.29 -12.68 7.52
N VAL E 188 -40.26 -13.52 7.63
CA VAL E 188 -40.46 -14.93 7.89
C VAL E 188 -39.71 -15.33 9.16
N VAL E 189 -40.10 -16.47 9.72
CA VAL E 189 -39.42 -17.02 10.89
C VAL E 189 -39.57 -18.53 10.87
N THR E 190 -38.50 -19.23 11.23
CA THR E 190 -38.51 -20.68 11.34
C THR E 190 -38.59 -21.06 12.82
N VAL E 191 -39.50 -21.94 13.15
CA VAL E 191 -39.78 -22.34 14.53
C VAL E 191 -39.84 -23.87 14.57
N PRO E 192 -39.78 -24.50 15.74
CA PRO E 192 -39.92 -25.96 15.79
C PRO E 192 -41.31 -26.39 15.32
N SER E 193 -41.35 -27.45 14.52
CA SER E 193 -42.63 -27.99 14.09
C SER E 193 -43.47 -28.43 15.28
N SER E 194 -42.81 -28.97 16.32
CA SER E 194 -43.51 -29.49 17.49
C SER E 194 -44.27 -28.42 18.26
N SER E 195 -43.99 -27.14 18.01
CA SER E 195 -44.59 -26.05 18.77
C SER E 195 -45.80 -25.43 18.09
N LEU E 196 -46.14 -25.87 16.87
CA LEU E 196 -47.20 -25.23 16.11
C LEU E 196 -48.55 -25.37 16.79
N GLY E 197 -48.80 -26.50 17.45
CA GLY E 197 -50.09 -26.69 18.10
C GLY E 197 -50.22 -25.97 19.42
N THR E 198 -49.11 -25.57 20.03
CA THR E 198 -49.11 -24.96 21.35
C THR E 198 -48.70 -23.49 21.34
N GLN E 199 -47.70 -23.11 20.56
CA GLN E 199 -47.18 -21.74 20.59
C GLN E 199 -47.91 -20.86 19.59
N THR E 200 -48.23 -19.64 20.01
CA THR E 200 -48.87 -18.65 19.17
C THR E 200 -47.81 -17.74 18.54
N TYR E 201 -47.97 -17.48 17.23
CA TYR E 201 -47.06 -16.62 16.49
C TYR E 201 -47.82 -15.45 15.92
N ILE E 202 -47.42 -14.24 16.29
CA ILE E 202 -48.05 -12.99 15.87
C ILE E 202 -46.96 -12.07 15.36
N CYS E 203 -47.15 -11.53 14.15
CA CYS E 203 -46.26 -10.50 13.63
C CYS E 203 -46.86 -9.13 13.95
N ASN E 204 -46.04 -8.26 14.51
CA ASN E 204 -46.46 -6.91 14.86
C ASN E 204 -45.92 -5.97 13.79
N VAL E 205 -46.82 -5.48 12.94
CA VAL E 205 -46.46 -4.63 11.81
C VAL E 205 -46.80 -3.19 12.16
N ASN E 206 -45.83 -2.29 12.00
CA ASN E 206 -46.04 -0.89 12.33
C ASN E 206 -45.53 -0.04 11.17
N HIS E 207 -46.42 0.70 10.54
CA HIS E 207 -46.09 1.63 9.47
C HIS E 207 -46.33 3.03 10.03
N LYS E 208 -45.26 3.60 10.62
CA LYS E 208 -45.39 4.88 11.30
C LYS E 208 -45.90 6.03 10.43
N PRO E 209 -45.52 6.15 9.14
CA PRO E 209 -46.07 7.25 8.33
C PRO E 209 -47.59 7.30 8.27
N SER E 210 -48.28 6.18 8.43
CA SER E 210 -49.73 6.15 8.39
C SER E 210 -50.36 5.82 9.74
N ASN E 211 -49.53 5.62 10.78
CA ASN E 211 -49.99 5.17 12.09
C ASN E 211 -50.79 3.87 12.00
N THR E 212 -50.42 3.02 11.05
CA THR E 212 -51.04 1.71 10.91
C THR E 212 -50.32 0.72 11.81
N LYS E 213 -51.10 -0.01 12.61
CA LYS E 213 -50.59 -0.98 13.57
C LYS E 213 -51.43 -2.24 13.47
N VAL E 214 -50.86 -3.30 12.91
CA VAL E 214 -51.57 -4.56 12.70
C VAL E 214 -50.82 -5.68 13.43
N ASP E 215 -51.55 -6.43 14.24
CA ASP E 215 -51.05 -7.66 14.87
C ASP E 215 -51.75 -8.83 14.21
N LYS E 216 -51.02 -9.57 13.35
CA LYS E 216 -51.59 -10.65 12.57
C LYS E 216 -51.16 -11.98 13.17
N LYS E 217 -52.13 -12.74 13.67
CA LYS E 217 -51.89 -14.10 14.12
C LYS E 217 -51.68 -15.01 12.91
N VAL E 218 -50.64 -15.82 12.95
CA VAL E 218 -50.30 -16.72 11.86
C VAL E 218 -50.48 -18.14 12.36
N GLU E 219 -51.47 -18.84 11.80
CA GLU E 219 -51.90 -20.16 12.23
C GLU E 219 -51.57 -21.22 11.19
N PRO E 220 -51.30 -22.45 11.64
CA PRO E 220 -51.04 -23.54 10.68
C PRO E 220 -52.20 -23.74 9.72
N LYS E 221 -51.85 -23.93 8.45
CA LYS E 221 -52.84 -24.28 7.44
C LYS E 221 -53.40 -25.67 7.73
N SER E 222 -54.71 -25.73 7.96
CA SER E 222 -55.37 -26.98 8.29
C SER E 222 -56.04 -27.54 7.04
N CYS E 223 -55.74 -28.81 6.73
CA CYS E 223 -56.18 -29.42 5.49
C CYS E 223 -57.10 -30.62 5.68
N ASP E 224 -57.22 -31.13 6.91
CA ASP E 224 -58.18 -32.20 7.25
C ASP E 224 -57.95 -33.51 6.52
N SER F 2 17.08 -23.53 22.32
CA SER F 2 15.85 -24.12 21.80
C SER F 2 15.73 -25.59 22.19
N ILE F 3 14.82 -25.86 23.13
CA ILE F 3 14.69 -27.21 23.69
C ILE F 3 14.22 -28.21 22.63
N VAL F 4 13.25 -27.81 21.81
CA VAL F 4 12.74 -28.66 20.73
C VAL F 4 13.31 -28.13 19.42
N SER F 5 14.03 -28.99 18.70
CA SER F 5 14.65 -28.61 17.43
C SER F 5 14.17 -29.56 16.35
N LEU F 6 13.82 -28.99 15.20
CA LEU F 6 13.39 -29.80 14.05
C LEU F 6 14.61 -30.39 13.36
N LEU F 7 14.64 -31.71 13.22
CA LEU F 7 15.75 -32.41 12.59
C LEU F 7 15.48 -32.80 11.15
N GLY F 8 14.22 -33.07 10.79
CA GLY F 8 13.90 -33.44 9.43
C GLY F 8 12.42 -33.52 9.17
N ILE F 9 12.02 -33.27 7.92
CA ILE F 9 10.64 -33.45 7.47
C ILE F 9 10.67 -34.15 6.13
N LYS F 10 9.99 -35.28 6.02
CA LYS F 10 9.87 -36.01 4.76
C LYS F 10 8.40 -36.00 4.39
N VAL F 11 8.09 -35.45 3.22
CA VAL F 11 6.72 -35.50 2.70
C VAL F 11 6.52 -36.87 2.06
N LEU F 12 5.59 -37.66 2.60
CA LEU F 12 5.51 -39.08 2.30
C LEU F 12 4.71 -39.40 1.03
N ASN F 13 3.65 -38.65 0.73
CA ASN F 13 2.80 -38.93 -0.42
C ASN F 13 2.85 -37.73 -1.36
N ASN F 14 3.82 -37.74 -2.28
CA ASN F 14 4.06 -36.60 -3.15
C ASN F 14 4.61 -37.06 -4.49
N PRO F 15 3.94 -36.67 -5.60
CA PRO F 15 2.69 -35.91 -5.65
C PRO F 15 1.49 -36.71 -5.18
N ALA F 16 0.34 -36.05 -5.03
CA ALA F 16 -0.88 -36.71 -4.59
C ALA F 16 -2.07 -35.91 -5.10
N LYS F 17 -3.26 -36.48 -4.93
CA LYS F 17 -4.47 -35.75 -5.30
C LYS F 17 -4.66 -34.55 -4.39
N PHE F 18 -5.30 -33.50 -4.94
CA PHE F 18 -5.65 -32.34 -4.13
C PHE F 18 -6.40 -32.76 -2.86
N THR F 19 -7.25 -33.79 -2.95
CA THR F 19 -8.04 -34.23 -1.82
C THR F 19 -7.36 -35.27 -0.95
N ASP F 20 -6.14 -35.70 -1.29
CA ASP F 20 -5.46 -36.63 -0.42
C ASP F 20 -4.94 -35.89 0.81
N PRO F 21 -4.91 -36.54 1.97
CA PRO F 21 -4.32 -35.91 3.15
C PRO F 21 -2.84 -35.66 2.94
N TYR F 22 -2.31 -34.67 3.65
CA TYR F 22 -0.87 -34.42 3.67
C TYR F 22 -0.22 -35.31 4.71
N GLU F 23 0.90 -35.93 4.34
CA GLU F 23 1.58 -36.86 5.23
C GLU F 23 3.04 -36.46 5.38
N PHE F 24 3.41 -36.00 6.57
CA PHE F 24 4.76 -35.58 6.89
C PHE F 24 5.35 -36.51 7.94
N GLU F 25 6.53 -37.07 7.67
CA GLU F 25 7.31 -37.76 8.69
C GLU F 25 8.24 -36.73 9.32
N ILE F 26 7.99 -36.40 10.58
CA ILE F 26 8.66 -35.30 11.27
C ILE F 26 9.62 -35.88 12.30
N THR F 27 10.86 -35.39 12.29
CA THR F 27 11.86 -35.76 13.28
C THR F 27 12.29 -34.52 14.04
N PHE F 28 12.20 -34.58 15.37
CA PHE F 28 12.60 -33.47 16.22
C PHE F 28 13.30 -34.02 17.46
N GLU F 29 14.05 -33.15 18.13
CA GLU F 29 14.84 -33.53 19.29
C GLU F 29 14.31 -32.84 20.55
N CYS F 30 14.14 -33.62 21.61
CA CYS F 30 13.80 -33.13 22.95
C CYS F 30 12.53 -32.30 22.99
N LYS F 35 6.68 -30.18 28.93
CA LYS F 35 5.81 -30.23 30.09
C LYS F 35 4.45 -29.66 29.73
N HIS F 36 4.29 -29.25 28.45
CA HIS F 36 3.16 -28.40 28.11
C HIS F 36 2.43 -28.76 26.81
N ASP F 37 2.83 -29.81 26.09
CA ASP F 37 2.30 -30.23 24.79
C ASP F 37 2.90 -29.40 23.65
N LEU F 38 3.33 -30.07 22.58
CA LEU F 38 3.59 -29.42 21.31
C LEU F 38 2.31 -29.42 20.50
N GLU F 39 2.15 -28.41 19.66
CA GLU F 39 1.04 -28.37 18.71
C GLU F 39 1.61 -28.23 17.31
N TRP F 40 1.43 -29.26 16.49
CA TRP F 40 1.81 -29.21 15.09
C TRP F 40 0.62 -28.73 14.27
N LYS F 41 0.87 -27.77 13.39
CA LYS F 41 -0.19 -27.16 12.59
C LYS F 41 0.22 -27.16 11.12
N LEU F 42 -0.76 -27.36 10.24
CA LEU F 42 -0.56 -27.18 8.80
C LEU F 42 -1.53 -26.11 8.31
N THR F 43 -0.99 -25.13 7.58
CA THR F 43 -1.78 -23.98 7.17
C THR F 43 -1.65 -23.78 5.67
N TYR F 44 -2.80 -23.68 5.00
CA TYR F 44 -2.85 -23.34 3.58
C TYR F 44 -2.80 -21.83 3.42
N VAL F 45 -1.92 -21.34 2.54
CA VAL F 45 -1.76 -19.91 2.29
C VAL F 45 -1.94 -19.65 0.80
N GLY F 46 -2.97 -18.87 0.47
CA GLY F 46 -3.24 -18.51 -0.91
C GLY F 46 -3.21 -17.02 -1.10
N SER F 47 -2.70 -16.59 -2.25
CA SER F 47 -2.61 -15.17 -2.60
C SER F 47 -3.41 -14.92 -3.88
N SER F 48 -4.51 -14.17 -3.76
CA SER F 48 -5.24 -13.66 -4.91
C SER F 48 -5.11 -12.13 -4.95
N ARG F 49 -5.81 -11.52 -5.90
CA ARG F 49 -5.54 -10.12 -6.27
C ARG F 49 -5.67 -9.19 -5.08
N SER F 50 -6.78 -9.28 -4.35
CA SER F 50 -7.07 -8.38 -3.25
C SER F 50 -6.99 -9.08 -1.90
N LEU F 51 -6.49 -10.31 -1.85
CA LEU F 51 -6.63 -11.12 -0.65
C LEU F 51 -5.41 -12.00 -0.42
N ASP F 52 -4.91 -12.00 0.81
CA ASP F 52 -4.03 -13.03 1.33
C ASP F 52 -4.81 -13.73 2.44
N HIS F 53 -5.01 -15.04 2.28
N HIS F 53 -5.04 -15.03 2.28
CA HIS F 53 -5.88 -15.81 3.16
CA HIS F 53 -5.88 -15.77 3.21
C HIS F 53 -5.12 -17.02 3.69
C HIS F 53 -5.15 -17.02 3.69
N ASP F 54 -5.19 -17.23 5.00
CA ASP F 54 -4.68 -18.44 5.63
C ASP F 54 -5.86 -19.33 5.98
N GLN F 55 -5.72 -20.62 5.71
CA GLN F 55 -6.72 -21.62 6.07
C GLN F 55 -6.00 -22.73 6.81
N GLU F 56 -6.26 -22.85 8.12
CA GLU F 56 -5.69 -23.97 8.88
C GLU F 56 -6.30 -25.27 8.37
N LEU F 57 -5.43 -26.17 7.91
CA LEU F 57 -5.87 -27.45 7.37
C LEU F 57 -6.07 -28.49 8.48
N ASP F 58 -5.17 -28.50 9.46
CA ASP F 58 -5.26 -29.47 10.54
C ASP F 58 -4.28 -29.09 11.64
N SER F 59 -4.41 -29.76 12.77
CA SER F 59 -3.54 -29.56 13.91
C SER F 59 -3.57 -30.82 14.78
N ILE F 60 -2.47 -31.08 15.46
CA ILE F 60 -2.40 -32.23 16.37
C ILE F 60 -1.61 -31.80 17.60
N LEU F 61 -2.20 -32.00 18.78
CA LEU F 61 -1.52 -31.81 20.05
C LEU F 61 -0.78 -33.08 20.41
N VAL F 62 0.52 -32.97 20.67
CA VAL F 62 1.37 -34.11 21.02
C VAL F 62 1.93 -33.86 22.41
N GLY F 63 1.54 -34.72 23.36
CA GLY F 63 2.03 -34.58 24.72
C GLY F 63 1.48 -35.63 25.68
N PRO F 64 2.24 -35.94 26.75
CA PRO F 64 3.58 -35.50 27.15
C PRO F 64 4.60 -35.60 26.02
N VAL F 65 5.53 -34.65 25.93
CA VAL F 65 6.52 -34.69 24.87
C VAL F 65 7.60 -35.70 25.22
N PRO F 66 7.74 -36.78 24.46
CA PRO F 66 8.85 -37.71 24.69
C PRO F 66 10.17 -37.02 24.47
N VAL F 67 11.13 -37.30 25.36
CA VAL F 67 12.39 -36.60 25.35
C VAL F 67 13.37 -37.33 24.44
N GLY F 68 14.36 -36.58 23.93
CA GLY F 68 15.32 -37.15 23.01
C GLY F 68 14.89 -37.01 21.56
N VAL F 69 15.21 -38.01 20.74
CA VAL F 69 14.96 -37.95 19.31
C VAL F 69 13.64 -38.67 19.02
N ASN F 70 12.73 -37.97 18.34
CA ASN F 70 11.40 -38.47 18.05
C ASN F 70 11.18 -38.53 16.55
N LYS F 71 10.41 -39.53 16.11
CA LYS F 71 9.97 -39.64 14.73
C LYS F 71 8.51 -40.06 14.74
N PHE F 72 7.67 -39.27 14.07
CA PHE F 72 6.24 -39.58 13.98
C PHE F 72 5.71 -38.99 12.69
N VAL F 73 4.52 -39.44 12.30
CA VAL F 73 3.88 -39.02 11.06
C VAL F 73 2.72 -38.11 11.40
N PHE F 74 2.68 -36.95 10.75
CA PHE F 74 1.60 -35.97 10.90
C PHE F 74 0.73 -36.07 9.66
N SER F 75 -0.51 -36.54 9.83
CA SER F 75 -1.45 -36.68 8.74
C SER F 75 -2.46 -35.54 8.83
N ALA F 76 -2.43 -34.63 7.86
CA ALA F 76 -3.28 -33.45 7.86
C ALA F 76 -4.36 -33.57 6.79
N ASP F 77 -5.60 -33.22 7.16
CA ASP F 77 -6.71 -33.24 6.23
C ASP F 77 -6.46 -32.31 5.04
N PRO F 78 -6.96 -32.65 3.85
CA PRO F 78 -6.78 -31.80 2.68
C PRO F 78 -7.52 -30.48 2.82
N PRO F 79 -7.29 -29.51 1.94
CA PRO F 79 -8.05 -28.26 1.99
C PRO F 79 -9.49 -28.46 1.55
N SER F 80 -10.36 -27.57 2.03
CA SER F 80 -11.73 -27.48 1.55
C SER F 80 -11.73 -26.54 0.34
N ALA F 81 -11.99 -27.10 -0.84
CA ALA F 81 -11.94 -26.30 -2.06
C ALA F 81 -12.97 -25.19 -2.06
N GLU F 82 -14.12 -25.39 -1.42
CA GLU F 82 -15.16 -24.38 -1.42
C GLU F 82 -14.80 -23.14 -0.63
N LEU F 83 -13.76 -23.20 0.21
CA LEU F 83 -13.27 -22.03 0.93
C LEU F 83 -12.13 -21.33 0.20
N ILE F 84 -11.82 -21.77 -1.01
CA ILE F 84 -10.66 -21.28 -1.77
C ILE F 84 -11.16 -20.69 -3.08
N PRO F 85 -10.66 -19.52 -3.49
CA PRO F 85 -11.02 -19.00 -4.83
C PRO F 85 -10.64 -19.99 -5.91
N ALA F 86 -11.52 -20.10 -6.92
CA ALA F 86 -11.28 -21.04 -8.01
C ALA F 86 -9.96 -20.75 -8.72
N SER F 87 -9.47 -19.51 -8.65
CA SER F 87 -8.19 -19.17 -9.27
C SER F 87 -7.04 -19.97 -8.67
N GLU F 88 -7.03 -20.12 -7.33
CA GLU F 88 -5.92 -20.78 -6.66
C GLU F 88 -5.93 -22.29 -6.80
N LEU F 89 -7.03 -22.89 -7.23
CA LEU F 89 -7.11 -24.35 -7.29
C LEU F 89 -6.13 -24.92 -8.30
N VAL F 90 -5.86 -24.20 -9.39
CA VAL F 90 -4.93 -24.66 -10.42
C VAL F 90 -3.78 -23.67 -10.56
N SER F 91 -3.10 -23.37 -9.46
CA SER F 91 -1.99 -22.43 -9.50
C SER F 91 -0.98 -22.82 -8.44
N VAL F 92 0.04 -21.98 -8.27
CA VAL F 92 1.06 -22.18 -7.26
C VAL F 92 0.60 -21.55 -5.95
N THR F 93 0.67 -22.33 -4.88
CA THR F 93 0.29 -21.87 -3.54
C THR F 93 1.37 -22.24 -2.54
N VAL F 94 1.06 -22.11 -1.25
CA VAL F 94 2.02 -22.33 -0.18
C VAL F 94 1.33 -23.05 0.97
N ILE F 95 2.05 -23.98 1.60
CA ILE F 95 1.63 -24.54 2.88
C ILE F 95 2.70 -24.24 3.92
N LEU F 96 2.26 -24.03 5.15
CA LEU F 96 3.14 -23.78 6.28
C LEU F 96 2.94 -24.88 7.31
N LEU F 97 4.01 -25.63 7.59
CA LEU F 97 4.04 -26.61 8.66
C LEU F 97 4.74 -25.96 9.85
N SER F 98 4.00 -25.72 10.93
CA SER F 98 4.55 -25.05 12.10
C SER F 98 4.33 -25.89 13.35
N CYS F 99 5.09 -25.57 14.39
CA CYS F 99 4.93 -26.17 15.70
C CYS F 99 4.96 -25.08 16.76
N SER F 100 4.10 -25.24 17.77
CA SER F 100 3.99 -24.30 18.88
C SER F 100 4.14 -25.04 20.20
N TYR F 101 4.76 -24.38 21.18
CA TYR F 101 4.97 -24.90 22.52
C TYR F 101 4.23 -23.97 23.47
N ASP F 102 3.03 -24.38 23.89
CA ASP F 102 2.12 -23.56 24.69
C ASP F 102 1.58 -22.39 23.89
N GLY F 103 1.32 -22.61 22.60
CA GLY F 103 0.68 -21.61 21.77
C GLY F 103 1.58 -20.53 21.22
N ARG F 104 2.88 -20.58 21.49
CA ARG F 104 3.85 -19.67 20.88
C ARG F 104 4.67 -20.44 19.85
N GLU F 105 4.54 -20.05 18.60
CA GLU F 105 5.20 -20.71 17.48
C GLU F 105 6.72 -20.55 17.59
N PHE F 106 7.44 -21.66 17.44
CA PHE F 106 8.90 -21.61 17.49
C PHE F 106 9.58 -22.11 16.23
N VAL F 107 8.85 -22.77 15.32
CA VAL F 107 9.41 -23.18 14.04
C VAL F 107 8.29 -23.21 13.00
N ARG F 108 8.63 -22.79 11.79
CA ARG F 108 7.70 -22.77 10.68
C ARG F 108 8.43 -23.20 9.41
N VAL F 109 7.88 -24.18 8.72
CA VAL F 109 8.49 -24.74 7.51
C VAL F 109 7.55 -24.49 6.34
N GLY F 110 7.98 -23.66 5.40
CA GLY F 110 7.17 -23.31 4.24
C GLY F 110 7.55 -24.15 3.03
N TYR F 111 6.53 -24.52 2.25
CA TYR F 111 6.72 -25.29 1.03
C TYR F 111 5.94 -24.65 -0.11
N TYR F 112 6.56 -24.57 -1.28
CA TYR F 112 5.83 -24.28 -2.50
C TYR F 112 4.97 -25.47 -2.89
N VAL F 113 3.80 -25.19 -3.47
CA VAL F 113 2.89 -26.24 -3.94
C VAL F 113 2.38 -25.86 -5.32
N ASN F 114 2.57 -26.77 -6.28
CA ASN F 114 2.01 -26.61 -7.62
C ASN F 114 0.80 -27.53 -7.77
N ASN F 115 -0.25 -27.00 -8.41
CA ASN F 115 -1.48 -27.75 -8.64
C ASN F 115 -1.80 -27.74 -10.12
N GLU F 116 -2.11 -28.91 -10.68
CA GLU F 116 -2.47 -28.99 -12.09
C GLU F 116 -3.26 -30.26 -12.32
N TYR F 117 -3.95 -30.30 -13.47
CA TYR F 117 -4.81 -31.41 -13.80
C TYR F 117 -4.00 -32.65 -14.14
N ASP F 118 -4.59 -33.82 -13.86
CA ASP F 118 -3.90 -35.10 -14.01
C ASP F 118 -3.98 -35.66 -15.42
N GLU F 119 -4.60 -34.96 -16.35
CA GLU F 119 -4.73 -35.43 -17.72
C GLU F 119 -4.35 -34.32 -18.69
N GLU F 120 -3.72 -34.70 -19.80
CA GLU F 120 -3.27 -33.72 -20.77
C GLU F 120 -4.43 -32.94 -21.35
N GLU F 121 -5.56 -33.62 -21.60
CA GLU F 121 -6.72 -32.95 -22.20
C GLU F 121 -7.27 -31.86 -21.28
N LEU F 122 -7.28 -32.11 -19.97
CA LEU F 122 -7.75 -31.10 -19.04
C LEU F 122 -6.73 -29.98 -18.89
N ARG F 123 -5.44 -30.30 -18.92
CA ARG F 123 -4.43 -29.25 -18.77
C ARG F 123 -4.46 -28.27 -19.94
N GLU F 124 -4.71 -28.77 -21.16
CA GLU F 124 -4.72 -27.90 -22.32
C GLU F 124 -6.07 -27.22 -22.53
N ASN F 125 -7.15 -27.82 -22.04
CA ASN F 125 -8.49 -27.28 -22.18
C ASN F 125 -9.21 -27.35 -20.85
N PRO F 126 -8.85 -26.49 -19.90
CA PRO F 126 -9.45 -26.55 -18.55
C PRO F 126 -10.91 -26.15 -18.59
N PRO F 127 -11.79 -26.94 -17.96
CA PRO F 127 -13.23 -26.64 -17.96
C PRO F 127 -13.53 -25.34 -17.22
N ALA F 128 -14.76 -24.85 -17.45
CA ALA F 128 -15.19 -23.62 -16.78
C ALA F 128 -15.28 -23.81 -15.28
N LYS F 129 -15.86 -24.92 -14.84
CA LYS F 129 -15.93 -25.27 -13.43
C LYS F 129 -14.78 -26.19 -13.09
N VAL F 130 -14.03 -25.85 -12.04
CA VAL F 130 -12.88 -26.65 -11.64
C VAL F 130 -13.35 -28.04 -11.21
N GLN F 131 -12.65 -29.06 -11.68
CA GLN F 131 -12.92 -30.46 -11.32
C GLN F 131 -11.86 -30.89 -10.32
N VAL F 132 -12.15 -30.67 -9.03
CA VAL F 132 -11.16 -30.89 -7.97
C VAL F 132 -10.67 -32.33 -7.96
N ASP F 133 -11.52 -33.27 -8.33
CA ASP F 133 -11.16 -34.68 -8.32
C ASP F 133 -10.06 -35.02 -9.33
N HIS F 134 -9.75 -34.11 -10.25
CA HIS F 134 -8.70 -34.32 -11.23
C HIS F 134 -7.47 -33.47 -10.95
N ILE F 135 -7.41 -32.77 -9.83
CA ILE F 135 -6.28 -31.92 -9.50
C ILE F 135 -5.23 -32.72 -8.75
N VAL F 136 -3.99 -32.64 -9.21
CA VAL F 136 -2.85 -33.27 -8.55
C VAL F 136 -1.97 -32.16 -7.98
N ARG F 137 -1.63 -32.28 -6.70
CA ARG F 137 -0.74 -31.31 -6.08
C ARG F 137 0.68 -31.87 -6.05
N ASN F 138 1.65 -30.99 -6.22
CA ASN F 138 3.06 -31.33 -6.21
C ASN F 138 3.74 -30.40 -5.20
N ILE F 139 4.07 -30.94 -4.03
CA ILE F 139 4.78 -30.17 -3.02
C ILE F 139 6.26 -30.17 -3.38
N LEU F 140 6.87 -28.98 -3.38
CA LEU F 140 8.31 -28.83 -3.57
C LEU F 140 9.01 -29.21 -2.25
N ALA F 141 8.95 -30.51 -1.96
CA ALA F 141 9.32 -31.02 -0.64
C ALA F 141 10.82 -30.95 -0.37
N GLU F 142 11.64 -30.84 -1.41
CA GLU F 142 13.08 -30.85 -1.23
C GLU F 142 13.66 -29.47 -0.89
N LYS F 143 12.87 -28.40 -0.97
CA LYS F 143 13.37 -27.04 -0.72
C LYS F 143 12.50 -26.32 0.30
N PRO F 144 12.50 -26.79 1.55
CA PRO F 144 11.72 -26.11 2.58
C PRO F 144 12.29 -24.73 2.89
N ARG F 145 11.39 -23.80 3.22
CA ARG F 145 11.74 -22.45 3.65
C ARG F 145 11.47 -22.41 5.15
N VAL F 146 12.53 -22.53 5.94
CA VAL F 146 12.43 -22.71 7.39
C VAL F 146 12.60 -21.35 8.06
N THR F 147 11.69 -21.03 8.98
CA THR F 147 11.85 -19.90 9.88
C THR F 147 11.79 -20.41 11.31
N ARG F 148 12.76 -20.01 12.12
CA ARG F 148 12.82 -20.37 13.52
C ARG F 148 12.64 -19.13 14.38
N PHE F 149 11.79 -19.24 15.40
CA PHE F 149 11.54 -18.17 16.35
C PHE F 149 12.10 -18.56 17.70
N ASN F 150 12.83 -17.64 18.34
CA ASN F 150 13.36 -17.87 19.67
C ASN F 150 12.28 -17.52 20.68
N ILE F 151 12.05 -18.43 21.64
CA ILE F 151 10.99 -18.26 22.62
C ILE F 151 11.38 -19.00 23.89
N VAL F 152 10.77 -18.58 25.01
CA VAL F 152 11.05 -19.19 26.31
C VAL F 152 10.34 -20.53 26.41
N TRP F 153 10.99 -21.49 27.06
CA TRP F 153 10.41 -22.81 27.29
C TRP F 153 9.87 -22.90 28.70
N ASP F 154 10.66 -23.43 29.63
CA ASP F 154 10.28 -23.44 31.03
C ASP F 154 11.44 -22.90 31.86
#